data_5ONA
#
_entry.id   5ONA
#
_cell.length_a   106.600
_cell.length_b   106.600
_cell.length_c   263.430
_cell.angle_alpha   90.00
_cell.angle_beta   90.00
_cell.angle_gamma   120.00
#
_symmetry.space_group_name_H-M   'P 32 2 1'
#
loop_
_entity.id
_entity.type
_entity.pdbx_description
1 polymer 'CCR4-NOT transcription complex subunit 1'
2 polymer 'CCR4-NOT transcription complex subunit 9'
3 polymer 'Protein bag-of-marbles'
4 non-polymer 'SULFATE ION'
5 non-polymer 'CHLORIDE ION'
#
loop_
_entity_poly.entity_id
_entity_poly.type
_entity_poly.pdbx_seq_one_letter_code
_entity_poly.pdbx_strand_id
1 'polypeptide(L)'
;GPHMLEVPPQPQYSYHDINVYSLAGLAPHITLNPTIPLFQAHPQLKQCVRQAIERAVQELVHPVVDRSIKIAMTTCEQIV
RKDFALDSEESRMRIAAHHMMRNLTAGMAMITCREPLLMSISTNLKNSFASALRTASPQQREMMDQAAAQLAQDNCELAC
CFIQKTAVEKAGPEMDKRLATEFELRKHARQEGRRYCDPVVLTYQAERMPEQIRLKVGGVDPKQLAVYEEFARNVPGFLP
TNDL
;
A,D
2 'polypeptide(L)'
;GPHMLEREKIYQWINELSSPETRENALLELSKKRESVPDLAPMLWHSFGTIAALLQEIVNIYPSINPPTLTAHQSNRVCN
ALALLQCVASHPETRSAFLAAHIPLFLYPFLHTVSKTRPFEYLRLTSLGVIGALVKTDEQEVINFLLTTEIIPLCLRIME
SGSELSKTVATFILQKILLDDTGLAYICQTYERFSHVAMILGKMVLQLSKEPSARLLKHVVRCYLRLSDNPRAREALRQC
LPDQLKDTTFAQVLKDDTTTKRWLAQLVKNLQE
;
B,E
3 'polypeptide(L)' DDQQLDHNFKQMEEHLALMVEGNE C,F
#
# COMPACT_ATOMS: atom_id res chain seq x y z
N PRO A 9 0.63 5.52 -32.50
CA PRO A 9 -0.74 5.08 -32.22
C PRO A 9 -1.53 6.11 -31.42
N GLN A 10 -2.72 6.45 -31.92
CA GLN A 10 -3.59 7.42 -31.26
C GLN A 10 -4.66 6.71 -30.44
N PRO A 11 -5.03 7.27 -29.29
CA PRO A 11 -6.13 6.69 -28.51
C PRO A 11 -7.48 6.92 -29.19
N GLN A 12 -8.36 5.93 -29.07
CA GLN A 12 -9.67 6.02 -29.68
C GLN A 12 -10.69 6.69 -28.78
N TYR A 13 -10.54 6.56 -27.46
CA TYR A 13 -11.59 6.89 -26.51
C TYR A 13 -11.25 8.16 -25.74
N SER A 14 -12.25 9.01 -25.57
CA SER A 14 -12.14 10.09 -24.60
C SER A 14 -12.57 9.59 -23.23
N TYR A 15 -12.24 10.37 -22.21
CA TYR A 15 -12.49 9.91 -20.84
C TYR A 15 -13.97 9.72 -20.54
N HIS A 16 -14.86 10.41 -21.27
CA HIS A 16 -16.29 10.34 -20.98
C HIS A 16 -17.04 9.40 -21.92
N ASP A 17 -16.32 8.57 -22.68
CA ASP A 17 -16.97 7.62 -23.57
C ASP A 17 -17.29 6.29 -22.91
N ILE A 18 -16.58 5.93 -21.84
CA ILE A 18 -16.65 4.59 -21.26
C ILE A 18 -17.29 4.68 -19.88
N ASN A 19 -18.44 4.03 -19.73
CA ASN A 19 -19.15 4.02 -18.45
C ASN A 19 -18.57 2.93 -17.56
N VAL A 20 -18.05 3.34 -16.40
CA VAL A 20 -17.37 2.42 -15.50
C VAL A 20 -18.30 1.77 -14.48
N TYR A 21 -19.47 2.37 -14.21
CA TYR A 21 -20.43 1.90 -13.21
C TYR A 21 -20.57 0.39 -13.19
N SER A 22 -20.66 -0.24 -14.36
CA SER A 22 -20.78 -1.68 -14.46
C SER A 22 -19.89 -2.20 -15.57
N LEU A 23 -19.70 -3.52 -15.61
CA LEU A 23 -18.98 -4.13 -16.71
C LEU A 23 -19.72 -3.98 -18.04
N ALA A 24 -21.02 -3.66 -18.00
CA ALA A 24 -21.79 -3.50 -19.22
C ALA A 24 -21.38 -2.28 -20.03
N GLY A 25 -20.52 -1.41 -19.48
CA GLY A 25 -19.99 -0.31 -20.27
C GLY A 25 -19.06 -0.75 -21.38
N LEU A 26 -18.55 -1.97 -21.32
CA LEU A 26 -17.67 -2.47 -22.37
C LEU A 26 -18.45 -2.81 -23.63
N ALA A 27 -19.60 -3.47 -23.48
CA ALA A 27 -20.37 -4.00 -24.60
C ALA A 27 -20.57 -3.04 -25.76
N PRO A 28 -20.95 -1.76 -25.57
CA PRO A 28 -21.13 -0.88 -26.73
C PRO A 28 -19.85 -0.50 -27.44
N HIS A 29 -18.68 -0.87 -26.91
CA HIS A 29 -17.41 -0.51 -27.52
C HIS A 29 -16.59 -1.71 -28.01
N ILE A 30 -17.13 -2.92 -27.92
CA ILE A 30 -16.35 -4.11 -28.28
C ILE A 30 -16.16 -4.15 -29.79
N THR A 31 -14.90 -4.09 -30.22
CA THR A 31 -14.58 -4.19 -31.65
C THR A 31 -14.52 -5.65 -32.05
N LEU A 32 -15.36 -6.04 -33.01
CA LEU A 32 -15.49 -7.43 -33.45
C LEU A 32 -15.27 -7.44 -34.96
N ASN A 33 -14.04 -7.74 -35.38
CA ASN A 33 -13.67 -7.71 -36.79
C ASN A 33 -14.54 -8.68 -37.59
N PRO A 34 -15.22 -8.22 -38.64
CA PRO A 34 -16.15 -9.09 -39.37
C PRO A 34 -15.47 -10.07 -40.33
N THR A 35 -14.17 -9.95 -40.56
CA THR A 35 -13.46 -10.85 -41.46
C THR A 35 -12.73 -11.96 -40.72
N ILE A 36 -12.99 -12.14 -39.44
CA ILE A 36 -12.34 -13.20 -38.66
C ILE A 36 -12.83 -14.56 -39.17
N PRO A 37 -11.93 -15.48 -39.56
CA PRO A 37 -12.37 -16.72 -40.20
C PRO A 37 -13.18 -17.63 -39.30
N LEU A 38 -12.88 -17.67 -37.99
CA LEU A 38 -13.64 -18.52 -37.08
C LEU A 38 -15.12 -18.19 -37.10
N PHE A 39 -15.46 -16.90 -37.25
CA PHE A 39 -16.86 -16.51 -37.29
C PHE A 39 -17.47 -16.66 -38.68
N GLN A 40 -16.65 -16.79 -39.72
CA GLN A 40 -17.19 -17.07 -41.05
C GLN A 40 -17.80 -18.47 -41.12
N ALA A 41 -17.21 -19.43 -40.43
CA ALA A 41 -17.72 -20.80 -40.40
C ALA A 41 -18.61 -21.10 -39.20
N HIS A 42 -18.40 -20.41 -38.08
CA HIS A 42 -19.17 -20.63 -36.86
C HIS A 42 -19.61 -19.28 -36.31
N PRO A 43 -20.66 -18.68 -36.89
CA PRO A 43 -21.12 -17.38 -36.39
C PRO A 43 -21.66 -17.43 -34.97
N GLN A 44 -22.12 -18.59 -34.49
CA GLN A 44 -22.66 -18.72 -33.15
C GLN A 44 -21.62 -18.45 -32.06
N LEU A 45 -20.33 -18.39 -32.41
CA LEU A 45 -19.30 -18.11 -31.41
C LEU A 45 -19.12 -16.62 -31.16
N LYS A 46 -19.81 -15.75 -31.90
CA LYS A 46 -19.76 -14.32 -31.62
C LYS A 46 -20.29 -14.01 -30.22
N GLN A 47 -21.21 -14.83 -29.71
CA GLN A 47 -21.95 -14.46 -28.51
C GLN A 47 -21.06 -14.48 -27.27
N CYS A 48 -20.12 -15.42 -27.19
CA CYS A 48 -19.29 -15.55 -25.99
C CYS A 48 -18.12 -14.57 -25.97
N VAL A 49 -18.03 -13.66 -26.94
CA VAL A 49 -16.96 -12.67 -26.94
C VAL A 49 -17.14 -11.69 -25.79
N ARG A 50 -18.37 -11.22 -25.56
CA ARG A 50 -18.61 -10.21 -24.54
C ARG A 50 -18.25 -10.72 -23.15
N GLN A 51 -18.72 -11.92 -22.80
CA GLN A 51 -18.47 -12.45 -21.47
C GLN A 51 -16.99 -12.68 -21.22
N ALA A 52 -16.24 -13.07 -22.26
CA ALA A 52 -14.81 -13.29 -22.10
C ALA A 52 -14.08 -11.98 -21.82
N ILE A 53 -14.45 -10.90 -22.52
CA ILE A 53 -13.84 -9.60 -22.28
C ILE A 53 -14.24 -9.07 -20.90
N GLU A 54 -15.52 -9.22 -20.54
CA GLU A 54 -15.97 -8.78 -19.23
C GLU A 54 -15.26 -9.57 -18.12
N ARG A 55 -15.11 -10.88 -18.32
CA ARG A 55 -14.46 -11.71 -17.30
C ARG A 55 -13.00 -11.31 -17.12
N ALA A 56 -12.30 -11.02 -18.23
CA ALA A 56 -10.89 -10.63 -18.12
C ALA A 56 -10.71 -9.31 -17.40
N VAL A 57 -11.67 -8.39 -17.54
CA VAL A 57 -11.60 -7.13 -16.80
C VAL A 57 -11.93 -7.36 -15.33
N GLN A 58 -12.90 -8.23 -15.06
CA GLN A 58 -13.36 -8.44 -13.69
C GLN A 58 -12.27 -9.01 -12.81
N GLU A 59 -11.38 -9.83 -13.37
CA GLU A 59 -10.33 -10.45 -12.56
C GLU A 59 -9.10 -9.57 -12.38
N LEU A 60 -8.99 -8.47 -13.13
CA LEU A 60 -7.82 -7.61 -13.05
C LEU A 60 -8.10 -6.21 -12.52
N VAL A 61 -9.35 -5.76 -12.52
CA VAL A 61 -9.64 -4.37 -12.21
C VAL A 61 -9.24 -4.03 -10.78
N HIS A 62 -9.61 -4.88 -9.82
CA HIS A 62 -9.29 -4.57 -8.42
C HIS A 62 -7.80 -4.63 -8.14
N PRO A 63 -7.05 -5.68 -8.53
CA PRO A 63 -5.61 -5.67 -8.20
C PRO A 63 -4.84 -4.55 -8.88
N VAL A 64 -5.19 -4.20 -10.13
CA VAL A 64 -4.47 -3.14 -10.82
C VAL A 64 -4.78 -1.78 -10.20
N VAL A 65 -6.05 -1.53 -9.87
CA VAL A 65 -6.43 -0.26 -9.26
C VAL A 65 -5.66 -0.05 -7.96
N ASP A 66 -5.63 -1.07 -7.10
CA ASP A 66 -4.94 -0.94 -5.83
C ASP A 66 -3.45 -0.68 -6.02
N ARG A 67 -2.82 -1.38 -6.95
CA ARG A 67 -1.39 -1.19 -7.18
C ARG A 67 -1.11 0.15 -7.85
N SER A 68 -1.90 0.51 -8.87
CA SER A 68 -1.66 1.76 -9.57
C SER A 68 -1.82 2.96 -8.65
N ILE A 69 -2.83 2.93 -7.78
CA ILE A 69 -3.01 4.01 -6.82
C ILE A 69 -1.87 4.02 -5.80
N LYS A 70 -1.47 2.83 -5.34
CA LYS A 70 -0.38 2.74 -4.36
C LYS A 70 0.91 3.37 -4.90
N ILE A 71 1.20 3.16 -6.19
CA ILE A 71 2.45 3.63 -6.75
C ILE A 71 2.44 5.15 -6.92
N ALA A 72 1.31 5.69 -7.40
CA ALA A 72 1.21 7.12 -7.66
C ALA A 72 0.84 7.93 -6.43
N MET A 73 0.39 7.30 -5.35
CA MET A 73 -0.09 8.03 -4.18
C MET A 73 1.02 8.83 -3.54
N THR A 74 2.08 8.16 -3.10
CA THR A 74 3.15 8.83 -2.37
C THR A 74 3.83 9.88 -3.24
N THR A 75 4.03 9.57 -4.51
CA THR A 75 4.72 10.50 -5.41
C THR A 75 3.93 11.80 -5.56
N CYS A 76 2.63 11.68 -5.80
CA CYS A 76 1.81 12.88 -5.97
C CYS A 76 1.70 13.66 -4.66
N GLU A 77 1.59 12.95 -3.53
CA GLU A 77 1.48 13.64 -2.24
C GLU A 77 2.72 14.48 -1.97
N GLN A 78 3.90 13.88 -2.11
CA GLN A 78 5.13 14.58 -1.73
C GLN A 78 5.41 15.76 -2.64
N ILE A 79 5.15 15.60 -3.94
CA ILE A 79 5.46 16.68 -4.89
C ILE A 79 4.45 17.81 -4.75
N VAL A 80 3.19 17.50 -4.45
CA VAL A 80 2.20 18.55 -4.30
C VAL A 80 2.42 19.32 -3.00
N ARG A 81 2.67 18.62 -1.90
CA ARG A 81 3.02 19.30 -0.66
C ARG A 81 4.22 20.21 -0.86
N LYS A 82 5.22 19.75 -1.61
CA LYS A 82 6.41 20.57 -1.84
C LYS A 82 6.08 21.81 -2.67
N ASP A 83 5.28 21.64 -3.72
CA ASP A 83 5.02 22.75 -4.65
C ASP A 83 4.13 23.81 -4.04
N PHE A 84 3.23 23.43 -3.13
CA PHE A 84 2.21 24.33 -2.60
C PHE A 84 2.42 24.62 -1.11
N ALA A 85 3.66 24.53 -0.65
CA ALA A 85 3.95 24.75 0.76
C ALA A 85 3.76 26.21 1.18
N LEU A 86 3.82 27.15 0.24
CA LEU A 86 3.62 28.56 0.53
C LEU A 86 2.34 29.10 -0.11
N ASP A 87 1.32 28.25 -0.23
CA ASP A 87 0.04 28.62 -0.82
C ASP A 87 -1.04 28.37 0.23
N SER A 88 -1.67 29.45 0.70
CA SER A 88 -2.67 29.33 1.75
C SER A 88 -4.03 28.86 1.25
N GLU A 89 -4.19 28.66 -0.05
CA GLU A 89 -5.47 28.28 -0.64
C GLU A 89 -5.47 26.79 -0.90
N GLU A 90 -6.09 26.02 0.01
CA GLU A 90 -6.21 24.58 -0.21
C GLU A 90 -7.04 24.25 -1.45
N SER A 91 -7.80 25.22 -1.96
CA SER A 91 -8.58 24.99 -3.17
C SER A 91 -7.66 24.69 -4.36
N ARG A 92 -6.65 25.53 -4.57
CA ARG A 92 -5.70 25.28 -5.66
C ARG A 92 -4.91 24.00 -5.43
N MET A 93 -4.49 23.78 -4.18
CA MET A 93 -3.69 22.58 -3.88
C MET A 93 -4.48 21.31 -4.13
N ARG A 94 -5.77 21.30 -3.77
CA ARG A 94 -6.58 20.11 -3.96
C ARG A 94 -6.83 19.86 -5.45
N ILE A 95 -7.05 20.92 -6.22
CA ILE A 95 -7.29 20.76 -7.65
C ILE A 95 -6.04 20.24 -8.36
N ALA A 96 -4.89 20.84 -8.03
CA ALA A 96 -3.65 20.40 -8.66
C ALA A 96 -3.30 18.97 -8.27
N ALA A 97 -3.55 18.60 -7.01
CA ALA A 97 -3.26 17.24 -6.58
C ALA A 97 -4.08 16.22 -7.37
N HIS A 98 -5.37 16.51 -7.60
CA HIS A 98 -6.19 15.57 -8.36
C HIS A 98 -5.76 15.50 -9.81
N HIS A 99 -5.41 16.64 -10.42
CA HIS A 99 -4.93 16.62 -11.80
C HIS A 99 -3.73 15.70 -11.95
N MET A 100 -2.77 15.80 -11.02
CA MET A 100 -1.58 14.97 -11.09
C MET A 100 -1.88 13.54 -10.66
N MET A 101 -2.69 13.36 -9.61
CA MET A 101 -2.97 12.02 -9.12
C MET A 101 -3.71 11.18 -10.15
N ARG A 102 -4.72 11.77 -10.79
CA ARG A 102 -5.42 11.04 -11.85
C ARG A 102 -4.50 10.73 -13.01
N ASN A 103 -3.63 11.67 -13.37
CA ASN A 103 -2.75 11.48 -14.52
C ASN A 103 -1.74 10.38 -14.27
N LEU A 104 -1.13 10.36 -13.07
CA LEU A 104 -0.14 9.35 -12.76
C LEU A 104 -0.80 7.99 -12.46
N THR A 105 -1.96 8.00 -11.82
CA THR A 105 -2.66 6.74 -11.58
C THR A 105 -3.09 6.10 -12.89
N ALA A 106 -3.56 6.90 -13.85
CA ALA A 106 -3.94 6.35 -15.15
C ALA A 106 -2.72 5.79 -15.87
N GLY A 107 -1.58 6.47 -15.76
CA GLY A 107 -0.37 5.97 -16.38
C GLY A 107 0.08 4.65 -15.79
N MET A 108 0.06 4.54 -14.46
CA MET A 108 0.51 3.31 -13.83
C MET A 108 -0.47 2.16 -14.05
N ALA A 109 -1.77 2.47 -14.17
CA ALA A 109 -2.73 1.44 -14.52
C ALA A 109 -2.53 0.96 -15.95
N MET A 110 -2.07 1.84 -16.84
CA MET A 110 -1.80 1.45 -18.22
C MET A 110 -0.64 0.47 -18.28
N ILE A 111 0.48 0.81 -17.63
CA ILE A 111 1.65 -0.05 -17.62
C ILE A 111 1.34 -1.41 -16.98
N THR A 112 0.42 -1.44 -16.02
CA THR A 112 0.21 -2.66 -15.24
C THR A 112 -0.73 -3.64 -15.93
N CYS A 113 -1.69 -3.16 -16.72
CA CYS A 113 -2.76 -4.05 -17.20
C CYS A 113 -2.66 -4.41 -18.68
N ARG A 114 -1.92 -3.64 -19.48
CA ARG A 114 -1.91 -3.87 -20.93
C ARG A 114 -1.48 -5.29 -21.27
N GLU A 115 -0.38 -5.77 -20.70
CA GLU A 115 0.07 -7.12 -21.01
C GLU A 115 -0.83 -8.19 -20.39
N PRO A 116 -1.19 -8.14 -19.10
CA PRO A 116 -2.09 -9.17 -18.57
C PRO A 116 -3.45 -9.19 -19.22
N LEU A 117 -3.92 -8.06 -19.75
CA LEU A 117 -5.22 -8.07 -20.44
C LEU A 117 -5.15 -8.86 -21.74
N LEU A 118 -4.13 -8.61 -22.56
CA LEU A 118 -3.95 -9.40 -23.77
C LEU A 118 -3.90 -10.89 -23.47
N MET A 119 -3.21 -11.27 -22.40
CA MET A 119 -3.16 -12.68 -22.02
C MET A 119 -4.52 -13.18 -21.55
N SER A 120 -5.20 -12.40 -20.70
CA SER A 120 -6.45 -12.85 -20.11
C SER A 120 -7.57 -12.90 -21.16
N ILE A 121 -7.64 -11.88 -22.02
CA ILE A 121 -8.68 -11.87 -23.06
C ILE A 121 -8.49 -13.05 -24.00
N SER A 122 -7.24 -13.31 -24.40
CA SER A 122 -6.97 -14.45 -25.28
C SER A 122 -7.35 -15.77 -24.60
N THR A 123 -6.95 -15.93 -23.34
CA THR A 123 -7.20 -17.21 -22.65
C THR A 123 -8.70 -17.43 -22.45
N ASN A 124 -9.44 -16.38 -22.06
CA ASN A 124 -10.87 -16.55 -21.83
C ASN A 124 -11.62 -16.88 -23.12
N LEU A 125 -11.18 -16.28 -24.24
CA LEU A 125 -11.83 -16.58 -25.51
C LEU A 125 -11.51 -18.00 -25.97
N LYS A 126 -10.28 -18.47 -25.74
CA LYS A 126 -9.93 -19.83 -26.14
C LYS A 126 -10.76 -20.86 -25.37
N ASN A 127 -11.00 -20.61 -24.08
CA ASN A 127 -11.78 -21.57 -23.29
C ASN A 127 -13.26 -21.51 -23.65
N SER A 128 -13.78 -20.31 -23.91
CA SER A 128 -15.18 -20.21 -24.32
C SER A 128 -15.40 -20.82 -25.70
N PHE A 129 -14.43 -20.66 -26.60
CA PHE A 129 -14.55 -21.28 -27.92
C PHE A 129 -14.44 -22.80 -27.81
N ALA A 130 -13.56 -23.30 -26.94
CA ALA A 130 -13.37 -24.74 -26.82
C ALA A 130 -14.56 -25.41 -26.15
N SER A 131 -15.18 -24.76 -25.18
CA SER A 131 -16.33 -25.35 -24.51
C SER A 131 -17.56 -25.36 -25.40
N ALA A 132 -17.57 -24.58 -26.48
CA ALA A 132 -18.68 -24.58 -27.41
C ALA A 132 -18.51 -25.57 -28.55
N LEU A 133 -17.26 -25.89 -28.91
CA LEU A 133 -16.98 -26.92 -29.90
C LEU A 133 -16.65 -28.27 -29.29
N ARG A 134 -16.36 -28.31 -27.98
CA ARG A 134 -15.91 -29.51 -27.29
C ARG A 134 -14.72 -30.11 -28.01
N THR A 135 -14.89 -31.28 -28.64
CA THR A 135 -13.84 -31.88 -29.45
C THR A 135 -13.69 -31.05 -30.73
N ALA A 136 -12.55 -30.40 -30.89
CA ALA A 136 -12.31 -29.49 -32.00
C ALA A 136 -11.18 -30.01 -32.88
N SER A 137 -11.34 -29.85 -34.18
CA SER A 137 -10.30 -30.23 -35.13
C SER A 137 -9.06 -29.35 -34.94
N PRO A 138 -7.87 -29.88 -35.21
CA PRO A 138 -6.68 -29.01 -35.19
C PRO A 138 -6.79 -27.84 -36.14
N GLN A 139 -7.53 -28.00 -37.24
CA GLN A 139 -7.85 -26.87 -38.10
C GLN A 139 -8.75 -25.87 -37.37
N GLN A 140 -9.74 -26.36 -36.62
CA GLN A 140 -10.60 -25.48 -35.85
C GLN A 140 -9.85 -24.82 -34.69
N ARG A 141 -8.83 -25.49 -34.16
CA ARG A 141 -8.03 -24.89 -33.10
C ARG A 141 -7.17 -23.74 -33.62
N GLU A 142 -6.74 -23.82 -34.88
CA GLU A 142 -6.05 -22.70 -35.49
C GLU A 142 -6.97 -21.50 -35.62
N MET A 143 -8.24 -21.75 -35.93
CA MET A 143 -9.22 -20.67 -36.02
C MET A 143 -9.43 -19.99 -34.66
N MET A 144 -9.58 -20.80 -33.60
CA MET A 144 -9.84 -20.23 -32.27
C MET A 144 -8.64 -19.46 -31.76
N ASP A 145 -7.42 -19.92 -32.06
CA ASP A 145 -6.23 -19.19 -31.63
C ASP A 145 -6.09 -17.88 -32.37
N GLN A 146 -6.35 -17.88 -33.68
CA GLN A 146 -6.27 -16.64 -34.44
C GLN A 146 -7.36 -15.66 -34.01
N ALA A 147 -8.56 -16.15 -33.74
CA ALA A 147 -9.64 -15.28 -33.30
C ALA A 147 -9.35 -14.71 -31.93
N ALA A 148 -8.86 -15.54 -31.00
CA ALA A 148 -8.56 -15.06 -29.66
C ALA A 148 -7.45 -14.02 -29.68
N ALA A 149 -6.45 -14.21 -30.55
CA ALA A 149 -5.37 -13.22 -30.65
C ALA A 149 -5.86 -11.95 -31.32
N GLN A 150 -6.72 -12.08 -32.33
CA GLN A 150 -7.23 -10.90 -33.04
C GLN A 150 -8.16 -10.08 -32.13
N LEU A 151 -9.07 -10.75 -31.42
CA LEU A 151 -9.99 -10.04 -30.55
C LEU A 151 -9.27 -9.37 -29.39
N ALA A 152 -8.24 -10.02 -28.85
CA ALA A 152 -7.47 -9.40 -27.78
C ALA A 152 -6.74 -8.15 -28.26
N GLN A 153 -6.13 -8.23 -29.45
CA GLN A 153 -5.44 -7.07 -30.00
C GLN A 153 -6.42 -5.94 -30.28
N ASP A 154 -7.65 -6.27 -30.67
CA ASP A 154 -8.64 -5.27 -31.06
C ASP A 154 -9.40 -4.68 -29.87
N ASN A 155 -9.30 -5.29 -28.70
CA ASN A 155 -10.05 -4.83 -27.53
C ASN A 155 -9.16 -4.62 -26.30
N CYS A 156 -7.84 -4.67 -26.45
CA CYS A 156 -6.96 -4.46 -25.31
C CYS A 156 -7.03 -3.01 -24.82
N GLU A 157 -7.16 -2.06 -25.76
CA GLU A 157 -7.19 -0.65 -25.38
C GLU A 157 -8.48 -0.30 -24.64
N LEU A 158 -9.61 -0.88 -25.07
CA LEU A 158 -10.87 -0.63 -24.40
C LEU A 158 -10.83 -1.14 -22.95
N ALA A 159 -10.45 -2.40 -22.77
CA ALA A 159 -10.36 -2.96 -21.42
C ALA A 159 -9.35 -2.20 -20.58
N CYS A 160 -8.27 -1.71 -21.19
CA CYS A 160 -7.29 -0.93 -20.46
C CYS A 160 -7.87 0.40 -20.01
N CYS A 161 -8.65 1.05 -20.87
CA CYS A 161 -9.29 2.31 -20.50
C CYS A 161 -10.32 2.12 -19.39
N PHE A 162 -11.03 0.99 -19.41
CA PHE A 162 -12.00 0.71 -18.34
C PHE A 162 -11.31 0.61 -16.99
N ILE A 163 -10.18 -0.10 -16.93
CA ILE A 163 -9.45 -0.24 -15.67
C ILE A 163 -8.83 1.09 -15.27
N GLN A 164 -8.28 1.82 -16.24
CA GLN A 164 -7.70 3.14 -15.94
C GLN A 164 -8.73 4.06 -15.32
N LYS A 165 -9.90 4.21 -15.95
CA LYS A 165 -10.91 5.11 -15.44
C LYS A 165 -11.40 4.69 -14.07
N THR A 166 -11.54 3.39 -13.84
CA THR A 166 -11.88 2.88 -12.51
C THR A 166 -10.84 3.32 -11.49
N ALA A 167 -9.56 3.19 -11.82
CA ALA A 167 -8.51 3.62 -10.91
C ALA A 167 -8.54 5.14 -10.72
N VAL A 168 -8.87 5.88 -11.78
CA VAL A 168 -8.91 7.33 -11.68
C VAL A 168 -10.06 7.77 -10.78
N GLU A 169 -11.23 7.14 -10.93
CA GLU A 169 -12.38 7.52 -10.12
C GLU A 169 -12.15 7.22 -8.65
N LYS A 170 -11.35 6.20 -8.33
CA LYS A 170 -11.06 5.86 -6.94
C LYS A 170 -9.94 6.68 -6.34
N ALA A 171 -9.05 7.23 -7.17
CA ALA A 171 -7.94 8.02 -6.66
C ALA A 171 -8.40 9.34 -6.04
N GLY A 172 -9.61 9.80 -6.37
CA GLY A 172 -10.14 11.03 -5.83
C GLY A 172 -10.17 11.03 -4.32
N PRO A 173 -11.02 10.20 -3.73
CA PRO A 173 -11.06 10.12 -2.25
C PRO A 173 -9.74 9.70 -1.62
N GLU A 174 -9.00 8.81 -2.29
CA GLU A 174 -7.72 8.37 -1.73
C GLU A 174 -6.72 9.52 -1.61
N MET A 175 -6.66 10.39 -2.62
CA MET A 175 -5.77 11.54 -2.55
C MET A 175 -6.24 12.53 -1.49
N ASP A 176 -7.55 12.69 -1.33
CA ASP A 176 -8.07 13.58 -0.29
C ASP A 176 -7.66 13.08 1.10
N LYS A 177 -7.76 11.77 1.33
CA LYS A 177 -7.34 11.22 2.62
C LYS A 177 -5.87 11.52 2.91
N ARG A 178 -5.02 11.32 1.91
CA ARG A 178 -3.59 11.53 2.12
C ARG A 178 -3.27 12.99 2.40
N LEU A 179 -4.05 13.92 1.87
CA LEU A 179 -3.82 15.35 2.05
C LEU A 179 -4.75 15.96 3.11
N ALA A 180 -5.27 15.14 4.03
CA ALA A 180 -6.24 15.65 5.00
C ALA A 180 -5.59 16.67 5.94
N THR A 181 -4.43 16.35 6.49
CA THR A 181 -3.78 17.28 7.42
C THR A 181 -3.34 18.55 6.71
N GLU A 182 -2.93 18.44 5.45
CA GLU A 182 -2.53 19.63 4.70
C GLU A 182 -3.71 20.57 4.46
N PHE A 183 -4.90 20.01 4.26
CA PHE A 183 -6.09 20.84 4.09
C PHE A 183 -6.48 21.51 5.40
N GLU A 184 -6.37 20.78 6.51
CA GLU A 184 -6.76 21.34 7.80
C GLU A 184 -5.84 22.46 8.25
N LEU A 185 -4.55 22.35 7.93
CA LEU A 185 -3.62 23.43 8.28
C LEU A 185 -4.01 24.73 7.62
N ARG A 186 -4.42 24.67 6.35
CA ARG A 186 -4.78 25.89 5.63
C ARG A 186 -6.16 26.39 6.02
N LYS A 187 -7.07 25.47 6.40
CA LYS A 187 -8.39 25.90 6.86
C LYS A 187 -8.31 26.50 8.26
N HIS A 188 -7.50 25.91 9.14
CA HIS A 188 -7.35 26.45 10.48
C HIS A 188 -6.62 27.78 10.48
N ALA A 189 -5.67 27.97 9.56
CA ALA A 189 -4.96 29.24 9.49
C ALA A 189 -5.87 30.36 8.99
N ARG A 190 -6.77 30.04 8.05
CA ARG A 190 -7.69 31.05 7.53
C ARG A 190 -8.63 31.54 8.61
N GLN A 191 -9.06 30.63 9.50
CA GLN A 191 -9.97 31.01 10.57
C GLN A 191 -9.28 31.85 11.65
N GLU A 192 -7.96 31.74 11.79
CA GLU A 192 -7.19 32.62 12.66
C GLU A 192 -6.72 33.88 11.94
N GLY A 193 -7.27 34.18 10.77
CA GLY A 193 -6.94 35.40 10.06
C GLY A 193 -5.49 35.52 9.64
N ARG A 194 -4.98 34.52 8.94
CA ARG A 194 -3.61 34.55 8.46
C ARG A 194 -3.44 33.51 7.36
N ARG A 195 -2.48 33.76 6.47
CA ARG A 195 -2.13 32.80 5.45
C ARG A 195 -1.30 31.67 6.05
N TYR A 196 -1.37 30.50 5.42
CA TYR A 196 -0.54 29.38 5.84
C TYR A 196 0.78 29.37 5.06
N CYS A 197 1.87 29.15 5.78
CA CYS A 197 3.19 29.02 5.17
C CYS A 197 3.98 28.00 5.97
N ASP A 198 4.41 26.94 5.31
CA ASP A 198 5.29 25.95 5.90
C ASP A 198 6.53 26.65 6.46
N PRO A 199 6.76 26.59 7.78
CA PRO A 199 7.92 27.32 8.34
C PRO A 199 9.24 26.82 7.80
N VAL A 200 9.40 25.50 7.66
CA VAL A 200 10.64 24.95 7.10
C VAL A 200 10.82 25.40 5.66
N VAL A 201 9.76 25.32 4.85
CA VAL A 201 9.87 25.71 3.45
C VAL A 201 10.10 27.20 3.33
N LEU A 202 9.35 28.00 4.11
CA LEU A 202 9.49 29.45 4.05
C LEU A 202 10.91 29.88 4.37
N THR A 203 11.52 29.28 5.40
CA THR A 203 12.90 29.60 5.74
C THR A 203 13.85 29.25 4.60
N TYR A 204 13.71 28.04 4.05
CA TYR A 204 14.62 27.61 2.99
C TYR A 204 14.51 28.49 1.77
N GLN A 205 13.29 28.67 1.24
CA GLN A 205 13.09 29.53 0.08
C GLN A 205 13.65 30.92 0.31
N ALA A 206 13.36 31.50 1.48
CA ALA A 206 13.79 32.87 1.74
C ALA A 206 15.31 32.98 1.89
N GLU A 207 15.94 31.96 2.46
CA GLU A 207 17.37 32.01 2.75
C GLU A 207 18.24 31.41 1.66
N ARG A 208 17.78 30.37 0.96
CA ARG A 208 18.63 29.64 0.03
C ARG A 208 18.20 29.76 -1.43
N MET A 209 16.98 30.18 -1.71
CA MET A 209 16.64 30.08 -3.13
C MET A 209 16.86 31.41 -3.84
N PRO A 210 17.34 31.35 -5.09
CA PRO A 210 17.48 32.58 -5.88
C PRO A 210 16.12 33.19 -6.18
N GLU A 211 16.13 34.50 -6.41
CA GLU A 211 14.89 35.26 -6.55
C GLU A 211 14.07 34.77 -7.75
N GLN A 212 14.72 34.47 -8.87
CA GLN A 212 13.99 34.22 -10.10
C GLN A 212 13.21 32.91 -10.04
N ILE A 213 13.63 31.95 -9.22
CA ILE A 213 12.97 30.66 -9.12
C ILE A 213 12.44 30.39 -7.72
N ARG A 214 12.44 31.40 -6.86
CA ARG A 214 11.99 31.22 -5.49
C ARG A 214 10.47 31.03 -5.44
N LEU A 215 10.02 30.20 -4.51
CA LEU A 215 8.59 30.10 -4.23
C LEU A 215 8.09 31.42 -3.65
N LYS A 216 6.98 31.91 -4.19
CA LYS A 216 6.42 33.17 -3.74
C LYS A 216 5.41 32.95 -2.61
N VAL A 217 5.44 33.86 -1.63
CA VAL A 217 4.54 33.74 -0.49
C VAL A 217 3.10 33.99 -0.90
N GLY A 218 2.87 34.98 -1.76
CA GLY A 218 1.53 35.30 -2.20
C GLY A 218 0.97 34.32 -3.23
N GLY A 219 0.72 33.09 -2.79
CA GLY A 219 0.19 32.10 -3.71
C GLY A 219 1.22 31.73 -4.77
N VAL A 220 0.71 31.28 -5.92
CA VAL A 220 1.54 30.88 -7.05
C VAL A 220 1.05 31.59 -8.29
N ASP A 221 1.99 31.97 -9.16
CA ASP A 221 1.63 32.63 -10.40
C ASP A 221 0.80 31.68 -11.26
N PRO A 222 -0.34 32.12 -11.80
CA PRO A 222 -1.16 31.22 -12.61
C PRO A 222 -0.45 30.67 -13.83
N LYS A 223 0.50 31.42 -14.41
CA LYS A 223 1.23 30.92 -15.57
C LYS A 223 2.18 29.79 -15.20
N GLN A 224 2.60 29.71 -13.93
CA GLN A 224 3.44 28.60 -13.48
C GLN A 224 2.63 27.35 -13.17
N LEU A 225 1.30 27.42 -13.20
CA LEU A 225 0.45 26.27 -12.99
C LEU A 225 0.26 25.44 -14.24
N ALA A 226 1.02 25.72 -15.31
CA ALA A 226 0.81 25.02 -16.57
C ALA A 226 1.05 23.52 -16.45
N VAL A 227 1.95 23.11 -15.55
CA VAL A 227 2.23 21.69 -15.37
C VAL A 227 0.97 20.95 -14.94
N TYR A 228 0.33 21.42 -13.88
CA TYR A 228 -0.82 20.71 -13.33
C TYR A 228 -2.02 20.80 -14.24
N GLU A 229 -2.18 21.90 -14.99
CA GLU A 229 -3.25 21.96 -15.97
C GLU A 229 -3.02 20.96 -17.10
N GLU A 230 -1.77 20.73 -17.47
CA GLU A 230 -1.47 19.75 -18.51
C GLU A 230 -1.79 18.33 -18.03
N PHE A 231 -1.63 18.06 -16.73
CA PHE A 231 -1.99 16.75 -16.19
C PHE A 231 -3.46 16.43 -16.43
N ALA A 232 -4.33 17.44 -16.37
CA ALA A 232 -5.75 17.20 -16.60
C ALA A 232 -6.09 17.16 -18.08
N ARG A 233 -5.35 17.90 -18.90
CA ARG A 233 -5.68 17.97 -20.32
C ARG A 233 -5.25 16.71 -21.06
N ASN A 234 -4.03 16.23 -20.79
CA ASN A 234 -3.44 15.11 -21.52
C ASN A 234 -3.25 13.95 -20.55
N VAL A 235 -4.18 13.02 -20.56
CA VAL A 235 -4.14 11.83 -19.70
C VAL A 235 -3.67 10.66 -20.54
N PRO A 236 -2.70 9.86 -20.07
CA PRO A 236 -2.25 8.71 -20.86
C PRO A 236 -3.36 7.68 -21.05
N GLY A 237 -3.59 7.32 -22.32
CA GLY A 237 -4.60 6.33 -22.66
C GLY A 237 -5.91 6.92 -23.17
N PHE A 238 -6.06 8.24 -23.12
CA PHE A 238 -7.30 8.88 -23.52
C PHE A 238 -6.99 10.05 -24.45
N LEU A 239 -8.01 10.48 -25.18
CA LEU A 239 -7.88 11.67 -26.02
C LEU A 239 -7.76 12.91 -25.15
N PRO A 240 -6.93 13.87 -25.54
CA PRO A 240 -6.85 15.13 -24.78
C PRO A 240 -8.18 15.87 -24.81
N THR A 241 -8.52 16.49 -23.68
CA THR A 241 -9.81 17.16 -23.56
C THR A 241 -9.91 18.36 -24.50
N ASN A 242 -8.81 19.07 -24.71
CA ASN A 242 -8.80 20.21 -25.61
C ASN A 242 -7.42 20.32 -26.26
N ASP A 243 -7.29 21.23 -27.22
CA ASP A 243 -6.06 21.40 -27.97
C ASP A 243 -5.02 22.17 -27.18
N LEU A 244 -4.00 22.67 -27.86
CA LEU A 244 -2.86 23.38 -27.24
C LEU A 244 -2.14 22.51 -26.23
N GLY B 1 29.68 38.58 -12.04
CA GLY B 1 30.14 39.20 -13.27
C GLY B 1 29.64 38.50 -14.52
N PRO B 2 30.57 38.03 -15.35
CA PRO B 2 30.16 37.33 -16.58
C PRO B 2 29.45 36.02 -16.30
N HIS B 3 29.80 35.31 -15.23
CA HIS B 3 29.14 34.05 -14.92
C HIS B 3 27.74 34.26 -14.35
N MET B 4 27.44 35.46 -13.85
CA MET B 4 26.10 35.72 -13.32
C MET B 4 25.07 35.83 -14.43
N LEU B 5 25.46 36.35 -15.60
CA LEU B 5 24.53 36.40 -16.72
C LEU B 5 24.16 35.02 -17.23
N GLU B 6 25.07 34.05 -17.08
CA GLU B 6 24.75 32.67 -17.48
C GLU B 6 23.78 32.02 -16.51
N ARG B 7 23.87 32.37 -15.22
CA ARG B 7 22.93 31.81 -14.24
C ARG B 7 21.51 32.28 -14.48
N GLU B 8 21.35 33.50 -15.03
CA GLU B 8 20.01 33.95 -15.38
C GLU B 8 19.41 33.14 -16.51
N LYS B 9 20.23 32.65 -17.43
CA LYS B 9 19.74 31.72 -18.44
C LYS B 9 19.30 30.40 -17.80
N ILE B 10 20.03 29.94 -16.78
CA ILE B 10 19.62 28.74 -16.06
C ILE B 10 18.27 28.96 -15.40
N TYR B 11 18.10 30.09 -14.72
CA TYR B 11 16.84 30.37 -14.05
C TYR B 11 15.68 30.45 -15.04
N GLN B 12 15.90 31.13 -16.17
CA GLN B 12 14.85 31.25 -17.17
C GLN B 12 14.45 29.90 -17.74
N TRP B 13 15.42 29.00 -17.94
CA TRP B 13 15.11 27.68 -18.45
C TRP B 13 14.32 26.85 -17.44
N ILE B 14 14.72 26.91 -16.17
CA ILE B 14 13.97 26.21 -15.13
C ILE B 14 12.54 26.71 -15.08
N ASN B 15 12.34 28.02 -15.19
CA ASN B 15 10.98 28.56 -15.22
C ASN B 15 10.25 28.15 -16.50
N GLU B 16 10.98 27.98 -17.60
CA GLU B 16 10.36 27.55 -18.85
C GLU B 16 10.06 26.06 -18.88
N LEU B 17 10.49 25.30 -17.86
CA LEU B 17 10.16 23.89 -17.81
C LEU B 17 8.68 23.67 -17.54
N SER B 18 8.01 24.63 -16.90
CA SER B 18 6.62 24.45 -16.53
C SER B 18 5.72 24.41 -17.77
N SER B 19 5.81 25.43 -18.61
CA SER B 19 4.93 25.49 -19.77
C SER B 19 5.37 24.48 -20.81
N PRO B 20 4.46 23.61 -21.29
CA PRO B 20 4.84 22.65 -22.32
C PRO B 20 5.31 23.29 -23.62
N GLU B 21 4.94 24.54 -23.88
CA GLU B 21 5.38 25.20 -25.10
C GLU B 21 6.84 25.63 -25.07
N THR B 22 7.46 25.64 -23.89
CA THR B 22 8.88 25.99 -23.77
C THR B 22 9.71 24.91 -23.09
N ARG B 23 9.12 23.74 -22.83
CA ARG B 23 9.78 22.71 -22.03
C ARG B 23 10.88 22.00 -22.80
N GLU B 24 10.64 21.69 -24.08
CA GLU B 24 11.60 20.89 -24.83
C GLU B 24 12.94 21.59 -24.97
N ASN B 25 12.92 22.89 -25.28
CA ASN B 25 14.17 23.64 -25.38
C ASN B 25 14.84 23.75 -24.02
N ALA B 26 14.05 23.95 -22.95
CA ALA B 26 14.62 24.08 -21.63
C ALA B 26 15.20 22.75 -21.14
N LEU B 27 14.54 21.63 -21.48
CA LEU B 27 15.11 20.32 -21.18
C LEU B 27 16.46 20.14 -21.86
N LEU B 28 16.56 20.56 -23.13
CA LEU B 28 17.80 20.38 -23.88
C LEU B 28 18.93 21.19 -23.28
N GLU B 29 18.70 22.48 -23.02
CA GLU B 29 19.75 23.34 -22.51
C GLU B 29 20.19 22.95 -21.11
N LEU B 30 19.23 22.62 -20.24
CA LEU B 30 19.58 22.34 -18.85
C LEU B 30 20.33 21.02 -18.72
N SER B 31 20.04 20.04 -19.57
CA SER B 31 20.79 18.80 -19.54
C SER B 31 22.25 19.01 -19.90
N LYS B 32 22.53 19.99 -20.77
CA LYS B 32 23.92 20.28 -21.15
C LYS B 32 24.68 20.94 -20.01
N LYS B 33 24.02 21.74 -19.19
CA LYS B 33 24.67 22.48 -18.13
C LYS B 33 24.65 21.74 -16.80
N ARG B 34 24.21 20.48 -16.77
CA ARG B 34 24.09 19.76 -15.51
C ARG B 34 25.43 19.31 -14.96
N GLU B 35 26.52 19.42 -15.73
CA GLU B 35 27.85 19.09 -15.24
C GLU B 35 28.60 20.31 -14.74
N SER B 36 28.28 21.50 -15.25
CA SER B 36 29.00 22.71 -14.87
C SER B 36 28.32 23.46 -13.74
N VAL B 37 27.05 23.19 -13.47
CA VAL B 37 26.31 23.86 -12.39
C VAL B 37 26.17 22.89 -11.22
N PRO B 38 26.99 23.03 -10.17
CA PRO B 38 26.94 22.04 -9.08
C PRO B 38 25.63 22.06 -8.31
N ASP B 39 25.06 23.24 -8.09
CA ASP B 39 23.82 23.38 -7.32
C ASP B 39 22.58 23.37 -8.21
N LEU B 40 22.64 22.71 -9.36
CA LEU B 40 21.47 22.66 -10.23
C LEU B 40 20.38 21.79 -9.64
N ALA B 41 20.75 20.70 -8.97
CA ALA B 41 19.75 19.78 -8.45
C ALA B 41 18.87 20.40 -7.37
N PRO B 42 19.39 21.10 -6.35
CA PRO B 42 18.48 21.76 -5.41
C PRO B 42 17.62 22.82 -6.05
N MET B 43 18.15 23.54 -7.05
CA MET B 43 17.32 24.49 -7.78
C MET B 43 16.21 23.79 -8.56
N LEU B 44 16.49 22.61 -9.10
CA LEU B 44 15.45 21.88 -9.81
C LEU B 44 14.39 21.34 -8.86
N TRP B 45 14.82 20.83 -7.70
CA TRP B 45 13.87 20.21 -6.79
C TRP B 45 12.96 21.24 -6.13
N HIS B 46 13.54 22.34 -5.64
CA HIS B 46 12.80 23.30 -4.83
C HIS B 46 12.06 24.36 -5.64
N SER B 47 12.23 24.39 -6.95
CA SER B 47 11.42 25.27 -7.79
C SER B 47 10.04 24.67 -7.99
N PHE B 48 9.09 25.50 -8.40
CA PHE B 48 7.70 25.08 -8.49
C PHE B 48 7.45 24.30 -9.77
N GLY B 49 6.85 23.12 -9.62
CA GLY B 49 6.43 22.32 -10.76
C GLY B 49 7.52 21.70 -11.59
N THR B 50 8.79 21.90 -11.25
CA THR B 50 9.87 21.38 -12.07
C THR B 50 9.88 19.85 -12.07
N ILE B 51 9.90 19.24 -10.88
CA ILE B 51 9.87 17.79 -10.78
C ILE B 51 8.57 17.23 -11.35
N ALA B 52 7.46 17.96 -11.15
CA ALA B 52 6.19 17.51 -11.72
C ALA B 52 6.25 17.48 -13.24
N ALA B 53 6.96 18.44 -13.84
CA ALA B 53 7.11 18.44 -15.30
C ALA B 53 7.97 17.27 -15.77
N LEU B 54 9.02 16.93 -15.02
CA LEU B 54 9.85 15.79 -15.39
C LEU B 54 9.07 14.49 -15.27
N LEU B 55 8.25 14.34 -14.22
CA LEU B 55 7.37 13.17 -14.15
C LEU B 55 6.37 13.18 -15.30
N GLN B 56 5.97 14.35 -15.77
CA GLN B 56 5.03 14.42 -16.88
C GLN B 56 5.68 13.94 -18.18
N GLU B 57 6.96 14.28 -18.38
CA GLU B 57 7.66 13.80 -19.57
C GLU B 57 7.81 12.29 -19.56
N ILE B 58 7.88 11.69 -18.37
CA ILE B 58 7.99 10.24 -18.26
C ILE B 58 6.65 9.57 -18.56
N VAL B 59 5.60 9.99 -17.86
CA VAL B 59 4.29 9.34 -18.02
C VAL B 59 3.76 9.53 -19.44
N ASN B 60 4.16 10.61 -20.11
CA ASN B 60 3.65 10.88 -21.45
C ASN B 60 4.19 9.91 -22.50
N ILE B 61 5.22 9.13 -22.21
CA ILE B 61 5.69 8.13 -23.15
C ILE B 61 5.22 6.72 -22.79
N TYR B 62 4.50 6.56 -21.68
CA TYR B 62 3.88 5.28 -21.37
C TYR B 62 3.01 4.73 -22.52
N PRO B 63 2.18 5.52 -23.20
CA PRO B 63 1.43 4.95 -24.34
C PRO B 63 2.32 4.45 -25.46
N SER B 64 3.56 4.93 -25.55
CA SER B 64 4.48 4.47 -26.57
C SER B 64 5.17 3.15 -26.20
N ILE B 65 5.03 2.70 -24.95
CA ILE B 65 5.66 1.47 -24.51
C ILE B 65 4.93 0.26 -25.06
N ASN B 66 3.61 0.28 -25.05
CA ASN B 66 2.83 -0.88 -25.43
C ASN B 66 1.61 -0.46 -26.24
N PRO B 67 1.58 -0.71 -27.56
CA PRO B 67 2.62 -1.38 -28.35
C PRO B 67 3.89 -0.55 -28.51
N PRO B 68 5.04 -1.21 -28.62
CA PRO B 68 6.30 -0.47 -28.73
C PRO B 68 6.37 0.39 -29.99
N THR B 69 6.29 1.70 -29.81
CA THR B 69 6.34 2.65 -30.91
C THR B 69 7.27 3.82 -30.63
N LEU B 70 8.02 3.77 -29.53
CA LEU B 70 8.87 4.89 -29.13
C LEU B 70 9.82 5.29 -30.26
N THR B 71 9.68 6.54 -30.71
CA THR B 71 10.52 7.05 -31.80
C THR B 71 11.82 7.62 -31.25
N ALA B 72 12.71 7.99 -32.17
CA ALA B 72 13.99 8.57 -31.78
C ALA B 72 13.80 9.91 -31.10
N HIS B 73 12.85 10.72 -31.60
CA HIS B 73 12.63 12.04 -31.01
C HIS B 73 12.05 11.93 -29.61
N GLN B 74 11.11 11.01 -29.40
CA GLN B 74 10.55 10.80 -28.07
C GLN B 74 11.61 10.33 -27.10
N SER B 75 12.47 9.40 -27.53
CA SER B 75 13.49 8.85 -26.64
C SER B 75 14.52 9.91 -26.27
N ASN B 76 14.88 10.79 -27.22
CA ASN B 76 15.79 11.88 -26.90
C ASN B 76 15.18 12.83 -25.89
N ARG B 77 13.90 13.17 -26.07
CA ARG B 77 13.26 14.14 -25.19
C ARG B 77 13.16 13.61 -23.76
N VAL B 78 12.64 12.39 -23.60
CA VAL B 78 12.43 11.86 -22.26
C VAL B 78 13.77 11.58 -21.56
N CYS B 79 14.83 11.32 -22.32
CA CYS B 79 16.13 11.08 -21.71
C CYS B 79 16.80 12.38 -21.27
N ASN B 80 16.43 13.52 -21.86
CA ASN B 80 16.85 14.80 -21.30
C ASN B 80 16.23 15.01 -19.91
N ALA B 81 14.97 14.60 -19.75
CA ALA B 81 14.34 14.69 -18.44
C ALA B 81 14.99 13.73 -17.46
N LEU B 82 15.21 12.48 -17.88
CA LEU B 82 15.87 11.51 -17.02
C LEU B 82 17.27 11.97 -16.64
N ALA B 83 17.94 12.71 -17.53
CA ALA B 83 19.26 13.25 -17.19
C ALA B 83 19.15 14.22 -16.02
N LEU B 84 18.18 15.13 -16.07
CA LEU B 84 18.00 16.08 -14.98
C LEU B 84 17.55 15.38 -13.70
N LEU B 85 16.73 14.33 -13.81
CA LEU B 85 16.36 13.56 -12.64
C LEU B 85 17.56 12.86 -12.04
N GLN B 86 18.48 12.37 -12.88
CA GLN B 86 19.71 11.80 -12.38
C GLN B 86 20.52 12.84 -11.62
N CYS B 87 20.54 14.08 -12.10
CA CYS B 87 21.21 15.16 -11.39
C CYS B 87 20.63 15.31 -9.99
N VAL B 88 19.30 15.23 -9.86
CA VAL B 88 18.66 15.35 -8.55
C VAL B 88 18.98 14.14 -7.68
N ALA B 89 19.00 12.94 -8.27
CA ALA B 89 19.26 11.73 -7.51
C ALA B 89 20.69 11.69 -6.97
N SER B 90 21.64 12.36 -7.65
CA SER B 90 23.03 12.30 -7.22
C SER B 90 23.32 13.27 -6.08
N HIS B 91 22.71 14.46 -6.12
CA HIS B 91 23.06 15.51 -5.18
C HIS B 91 22.68 15.11 -3.76
N PRO B 92 23.59 15.25 -2.79
CA PRO B 92 23.25 14.87 -1.40
C PRO B 92 22.16 15.73 -0.78
N GLU B 93 21.92 16.93 -1.31
CA GLU B 93 20.88 17.79 -0.77
C GLU B 93 19.48 17.41 -1.24
N THR B 94 19.37 16.60 -2.30
CA THR B 94 18.07 16.23 -2.83
C THR B 94 17.86 14.73 -2.95
N ARG B 95 18.86 13.90 -2.60
CA ARG B 95 18.74 12.47 -2.79
C ARG B 95 17.65 11.88 -1.90
N SER B 96 17.61 12.27 -0.63
CA SER B 96 16.60 11.75 0.29
C SER B 96 15.19 12.10 -0.19
N ALA B 97 14.97 13.37 -0.54
CA ALA B 97 13.65 13.76 -0.99
C ALA B 97 13.30 13.10 -2.32
N PHE B 98 14.30 12.88 -3.17
CA PHE B 98 14.09 12.13 -4.40
C PHE B 98 13.51 10.75 -4.10
N LEU B 99 14.07 10.05 -3.11
CA LEU B 99 13.59 8.74 -2.76
C LEU B 99 12.25 8.81 -2.01
N ALA B 100 12.08 9.84 -1.16
CA ALA B 100 10.82 9.98 -0.44
C ALA B 100 9.64 10.13 -1.38
N ALA B 101 9.85 10.81 -2.50
CA ALA B 101 8.81 10.94 -3.53
C ALA B 101 8.68 9.70 -4.41
N HIS B 102 9.46 8.65 -4.14
CA HIS B 102 9.38 7.38 -4.87
C HIS B 102 9.52 7.59 -6.38
N ILE B 103 10.36 8.53 -6.77
CA ILE B 103 10.49 8.87 -8.18
C ILE B 103 11.03 7.72 -9.02
N PRO B 104 11.99 6.92 -8.57
CA PRO B 104 12.45 5.79 -9.41
C PRO B 104 11.33 4.82 -9.81
N LEU B 105 10.23 4.77 -9.06
CA LEU B 105 9.16 3.83 -9.39
C LEU B 105 8.59 4.09 -10.78
N PHE B 106 8.68 5.32 -11.27
CA PHE B 106 8.17 5.66 -12.59
C PHE B 106 9.18 5.42 -13.69
N LEU B 107 10.41 5.04 -13.35
CA LEU B 107 11.37 4.55 -14.32
C LEU B 107 11.32 3.03 -14.49
N TYR B 108 10.72 2.33 -13.53
CA TYR B 108 10.66 0.87 -13.60
C TYR B 108 9.98 0.35 -14.87
N PRO B 109 8.88 0.93 -15.36
CA PRO B 109 8.31 0.42 -16.62
C PRO B 109 9.30 0.41 -17.77
N PHE B 110 10.23 1.35 -17.81
CA PHE B 110 11.22 1.36 -18.88
C PHE B 110 12.14 0.14 -18.79
N LEU B 111 12.53 -0.25 -17.57
CA LEU B 111 13.34 -1.44 -17.37
C LEU B 111 12.60 -2.73 -17.70
N HIS B 112 11.29 -2.66 -17.94
CA HIS B 112 10.51 -3.84 -18.27
C HIS B 112 10.35 -4.05 -19.78
N THR B 113 10.70 -3.05 -20.59
CA THR B 113 10.58 -3.17 -22.03
C THR B 113 11.58 -4.18 -22.59
N VAL B 114 11.18 -4.88 -23.64
CA VAL B 114 12.01 -5.89 -24.29
C VAL B 114 12.35 -5.54 -25.72
N SER B 115 11.84 -4.42 -26.25
CA SER B 115 12.11 -4.06 -27.63
C SER B 115 13.60 -3.81 -27.84
N LYS B 116 14.12 -4.31 -28.96
CA LYS B 116 15.54 -4.22 -29.27
C LYS B 116 15.92 -3.00 -30.09
N THR B 117 14.96 -2.11 -30.39
CA THR B 117 15.29 -0.90 -31.12
C THR B 117 16.18 0.01 -30.29
N ARG B 118 16.84 0.93 -30.98
CA ARG B 118 17.74 1.87 -30.30
C ARG B 118 16.99 2.86 -29.42
N PRO B 119 15.83 3.40 -29.84
CA PRO B 119 15.07 4.25 -28.92
C PRO B 119 14.74 3.58 -27.60
N PHE B 120 14.38 2.29 -27.63
CA PHE B 120 14.09 1.58 -26.39
C PHE B 120 15.36 1.19 -25.64
N GLU B 121 16.44 0.88 -26.35
CA GLU B 121 17.69 0.56 -25.66
C GLU B 121 18.28 1.80 -25.01
N TYR B 122 18.27 2.93 -25.73
CA TYR B 122 18.76 4.17 -25.14
C TYR B 122 17.91 4.58 -23.94
N LEU B 123 16.62 4.22 -23.94
CA LEU B 123 15.77 4.49 -22.79
C LEU B 123 16.15 3.62 -21.60
N ARG B 124 16.33 2.32 -21.82
CA ARG B 124 16.67 1.42 -20.72
C ARG B 124 18.03 1.79 -20.12
N LEU B 125 19.02 2.10 -20.95
CA LEU B 125 20.34 2.46 -20.45
C LEU B 125 20.26 3.74 -19.63
N THR B 126 19.59 4.77 -20.14
CA THR B 126 19.45 6.01 -19.41
C THR B 126 18.76 5.78 -18.08
N SER B 127 17.65 5.03 -18.07
CA SER B 127 16.99 4.67 -16.84
C SER B 127 17.93 3.90 -15.90
N LEU B 128 18.66 2.92 -16.45
CA LEU B 128 19.63 2.20 -15.64
C LEU B 128 20.72 3.13 -15.12
N GLY B 129 21.11 4.13 -15.91
CA GLY B 129 22.07 5.10 -15.43
C GLY B 129 21.58 5.90 -14.23
N VAL B 130 20.28 6.15 -14.16
CA VAL B 130 19.72 6.82 -12.99
C VAL B 130 19.87 5.95 -11.76
N ILE B 131 19.51 4.67 -11.86
CA ILE B 131 19.64 3.76 -10.73
C ILE B 131 21.11 3.55 -10.38
N GLY B 132 21.98 3.51 -11.40
CA GLY B 132 23.40 3.40 -11.14
C GLY B 132 23.93 4.58 -10.33
N ALA B 133 23.50 5.79 -10.68
CA ALA B 133 23.91 6.96 -9.92
C ALA B 133 23.49 6.86 -8.45
N LEU B 134 22.36 6.20 -8.19
CA LEU B 134 21.89 6.07 -6.81
C LEU B 134 22.80 5.17 -6.00
N VAL B 135 23.09 3.98 -6.49
CA VAL B 135 23.92 3.03 -5.74
C VAL B 135 25.36 3.49 -5.64
N LYS B 136 25.84 4.31 -6.58
CA LYS B 136 27.21 4.80 -6.49
C LYS B 136 27.42 5.67 -5.26
N THR B 137 26.34 6.17 -4.65
CA THR B 137 26.47 6.95 -3.42
C THR B 137 26.72 6.09 -2.20
N ASP B 138 26.46 4.78 -2.29
CA ASP B 138 26.70 3.84 -1.19
C ASP B 138 25.95 4.27 0.07
N GLU B 139 24.75 4.79 -0.12
CA GLU B 139 23.91 5.26 0.98
C GLU B 139 22.98 4.14 1.45
N GLN B 140 22.81 4.07 2.77
CA GLN B 140 21.95 3.03 3.34
C GLN B 140 20.51 3.18 2.89
N GLU B 141 20.03 4.40 2.72
CA GLU B 141 18.63 4.58 2.31
C GLU B 141 18.42 4.17 0.86
N VAL B 142 19.46 4.26 0.02
CA VAL B 142 19.32 3.80 -1.35
C VAL B 142 19.12 2.29 -1.40
N ILE B 143 19.84 1.56 -0.54
CA ILE B 143 19.70 0.11 -0.48
C ILE B 143 18.31 -0.25 0.06
N ASN B 144 17.90 0.40 1.16
CA ASN B 144 16.59 0.09 1.74
C ASN B 144 15.47 0.41 0.77
N PHE B 145 15.61 1.48 -0.02
CA PHE B 145 14.60 1.82 -1.01
C PHE B 145 14.51 0.75 -2.09
N LEU B 146 15.67 0.34 -2.64
CA LEU B 146 15.66 -0.63 -3.73
C LEU B 146 15.22 -2.01 -3.26
N LEU B 147 15.54 -2.39 -2.03
CA LEU B 147 15.12 -3.68 -1.51
C LEU B 147 13.60 -3.76 -1.37
N THR B 148 12.94 -2.63 -1.13
CA THR B 148 11.52 -2.63 -0.85
C THR B 148 10.65 -2.28 -2.05
N THR B 149 11.26 -1.85 -3.15
CA THR B 149 10.50 -1.47 -4.35
C THR B 149 10.56 -2.55 -5.43
N GLU B 150 11.10 -3.72 -5.12
CA GLU B 150 11.11 -4.87 -6.04
C GLU B 150 11.84 -4.53 -7.35
N ILE B 151 13.03 -3.95 -7.23
CA ILE B 151 13.85 -3.72 -8.40
C ILE B 151 14.78 -4.90 -8.69
N ILE B 152 15.01 -5.77 -7.70
CA ILE B 152 15.82 -6.96 -7.95
C ILE B 152 15.20 -7.86 -9.02
N PRO B 153 13.89 -8.16 -8.99
CA PRO B 153 13.31 -8.93 -10.10
C PRO B 153 13.47 -8.25 -11.46
N LEU B 154 13.46 -6.92 -11.49
CA LEU B 154 13.66 -6.20 -12.74
C LEU B 154 15.08 -6.39 -13.27
N CYS B 155 16.06 -6.33 -12.38
CA CYS B 155 17.45 -6.53 -12.80
C CYS B 155 17.67 -7.94 -13.33
N LEU B 156 17.09 -8.94 -12.66
CA LEU B 156 17.28 -10.33 -13.08
C LEU B 156 16.72 -10.56 -14.48
N ARG B 157 15.61 -9.89 -14.84
CA ARG B 157 15.11 -9.99 -16.20
C ARG B 157 16.09 -9.39 -17.20
N ILE B 158 16.66 -8.23 -16.85
CA ILE B 158 17.63 -7.60 -17.73
C ILE B 158 18.92 -8.41 -17.77
N MET B 159 19.32 -8.97 -16.62
CA MET B 159 20.52 -9.79 -16.54
C MET B 159 20.41 -11.07 -17.36
N GLU B 160 19.19 -11.52 -17.64
CA GLU B 160 18.96 -12.77 -18.35
C GLU B 160 18.68 -12.57 -19.84
N SER B 161 18.08 -11.44 -20.23
CA SER B 161 17.64 -11.25 -21.60
C SER B 161 18.06 -9.93 -22.23
N GLY B 162 18.69 -9.02 -21.48
CA GLY B 162 19.05 -7.74 -22.02
C GLY B 162 20.25 -7.80 -22.95
N SER B 163 20.66 -6.63 -23.43
CA SER B 163 21.86 -6.51 -24.23
C SER B 163 23.09 -6.71 -23.35
N GLU B 164 24.26 -6.76 -23.99
CA GLU B 164 25.50 -6.98 -23.24
C GLU B 164 25.75 -5.84 -22.26
N LEU B 165 25.56 -4.60 -22.69
CA LEU B 165 25.72 -3.47 -21.78
C LEU B 165 24.64 -3.47 -20.70
N SER B 166 23.39 -3.72 -21.10
CA SER B 166 22.29 -3.72 -20.14
C SER B 166 22.50 -4.78 -19.06
N LYS B 167 22.92 -5.98 -19.46
CA LYS B 167 23.22 -7.03 -18.48
C LYS B 167 24.28 -6.57 -17.49
N THR B 168 25.33 -5.90 -17.99
CA THR B 168 26.43 -5.50 -17.12
C THR B 168 25.98 -4.43 -16.12
N VAL B 169 25.21 -3.44 -16.58
CA VAL B 169 24.74 -2.40 -15.67
C VAL B 169 23.78 -2.98 -14.63
N ALA B 170 22.87 -3.86 -15.07
CA ALA B 170 21.95 -4.49 -14.13
C ALA B 170 22.67 -5.36 -13.12
N THR B 171 23.69 -6.11 -13.58
CA THR B 171 24.48 -6.92 -12.67
C THR B 171 25.25 -6.03 -11.69
N PHE B 172 25.77 -4.90 -12.17
CA PHE B 172 26.45 -3.95 -11.28
C PHE B 172 25.52 -3.43 -10.20
N ILE B 173 24.25 -3.16 -10.55
CA ILE B 173 23.28 -2.70 -9.56
C ILE B 173 23.07 -3.79 -8.51
N LEU B 174 22.80 -5.02 -8.95
CA LEU B 174 22.64 -6.12 -8.02
C LEU B 174 23.90 -6.34 -7.18
N GLN B 175 25.07 -6.09 -7.77
CA GLN B 175 26.31 -6.22 -7.02
C GLN B 175 26.37 -5.21 -5.89
N LYS B 176 26.09 -3.93 -6.20
CA LYS B 176 26.14 -2.90 -5.18
C LYS B 176 25.17 -3.19 -4.04
N ILE B 177 23.99 -3.71 -4.36
CA ILE B 177 23.04 -4.12 -3.33
C ILE B 177 23.63 -5.24 -2.48
N LEU B 178 24.22 -6.25 -3.15
CA LEU B 178 24.78 -7.39 -2.42
C LEU B 178 25.97 -6.99 -1.56
N LEU B 179 26.77 -6.03 -2.02
CA LEU B 179 27.93 -5.60 -1.24
C LEU B 179 27.50 -5.04 0.10
N ASP B 180 26.41 -4.29 0.14
CA ASP B 180 25.89 -3.79 1.40
C ASP B 180 25.37 -4.95 2.26
N ASP B 181 25.66 -4.87 3.56
CA ASP B 181 25.32 -5.98 4.46
C ASP B 181 23.83 -6.26 4.47
N THR B 182 23.01 -5.20 4.43
CA THR B 182 21.56 -5.38 4.47
C THR B 182 21.06 -6.09 3.22
N GLY B 183 21.64 -5.78 2.06
CA GLY B 183 21.22 -6.43 0.83
C GLY B 183 21.53 -7.91 0.83
N LEU B 184 22.70 -8.29 1.34
CA LEU B 184 23.05 -9.71 1.42
C LEU B 184 22.11 -10.45 2.36
N ALA B 185 21.79 -9.84 3.51
CA ALA B 185 20.89 -10.49 4.46
C ALA B 185 19.47 -10.57 3.91
N TYR B 186 19.07 -9.59 3.10
CA TYR B 186 17.72 -9.59 2.55
C TYR B 186 17.55 -10.69 1.51
N ILE B 187 18.55 -10.87 0.63
CA ILE B 187 18.43 -11.86 -0.43
C ILE B 187 18.60 -13.27 0.13
N CYS B 188 19.41 -13.43 1.18
CA CYS B 188 19.59 -14.72 1.83
C CYS B 188 18.58 -14.96 2.95
N GLN B 189 17.60 -14.07 3.12
CA GLN B 189 16.63 -14.20 4.21
C GLN B 189 15.74 -15.41 4.00
N THR B 190 15.20 -15.57 2.80
CA THR B 190 14.39 -16.73 2.44
C THR B 190 15.04 -17.45 1.27
N TYR B 191 14.73 -18.75 1.14
CA TYR B 191 15.24 -19.51 0.01
C TYR B 191 14.57 -19.10 -1.29
N GLU B 192 13.33 -18.61 -1.23
CA GLU B 192 12.65 -18.16 -2.44
C GLU B 192 13.38 -16.98 -3.08
N ARG B 193 13.89 -16.06 -2.26
CA ARG B 193 14.63 -14.93 -2.80
C ARG B 193 15.99 -15.36 -3.34
N PHE B 194 16.72 -16.16 -2.57
CA PHE B 194 18.07 -16.53 -2.96
C PHE B 194 18.08 -17.43 -4.18
N SER B 195 17.21 -18.45 -4.19
CA SER B 195 17.21 -19.42 -5.29
C SER B 195 16.91 -18.73 -6.62
N HIS B 196 16.03 -17.73 -6.62
CA HIS B 196 15.73 -17.03 -7.86
C HIS B 196 16.93 -16.23 -8.36
N VAL B 197 17.76 -15.73 -7.45
CA VAL B 197 18.95 -14.99 -7.86
C VAL B 197 20.03 -15.94 -8.34
N ALA B 198 20.22 -17.06 -7.65
CA ALA B 198 21.29 -17.99 -8.01
C ALA B 198 21.02 -18.66 -9.35
N MET B 199 19.75 -18.92 -9.67
CA MET B 199 19.41 -19.52 -10.95
C MET B 199 19.73 -18.59 -12.11
N ILE B 200 19.44 -17.29 -11.95
CA ILE B 200 19.75 -16.33 -12.99
C ILE B 200 21.26 -16.21 -13.20
N LEU B 201 22.02 -16.15 -12.10
CA LEU B 201 23.47 -16.12 -12.21
C LEU B 201 24.00 -17.38 -12.89
N GLY B 202 23.39 -18.53 -12.60
CA GLY B 202 23.81 -19.77 -13.25
C GLY B 202 23.60 -19.72 -14.75
N LYS B 203 22.42 -19.26 -15.19
CA LYS B 203 22.16 -19.17 -16.62
C LYS B 203 23.10 -18.20 -17.31
N MET B 204 23.52 -17.14 -16.61
CA MET B 204 24.44 -16.18 -17.21
C MET B 204 25.82 -16.79 -17.44
N VAL B 205 26.22 -17.73 -16.59
CA VAL B 205 27.50 -18.40 -16.77
C VAL B 205 27.49 -19.26 -18.04
N LEU B 206 26.36 -19.93 -18.31
CA LEU B 206 26.23 -20.67 -19.55
C LEU B 206 26.26 -19.73 -20.75
N GLN B 207 25.53 -18.62 -20.67
CA GLN B 207 25.53 -17.67 -21.78
C GLN B 207 26.93 -17.12 -22.03
N LEU B 208 27.69 -16.89 -20.96
CA LEU B 208 29.03 -16.32 -21.11
C LEU B 208 30.00 -17.31 -21.73
N SER B 209 29.73 -18.62 -21.60
CA SER B 209 30.60 -19.60 -22.22
C SER B 209 30.39 -19.64 -23.74
N LYS B 210 29.21 -19.23 -24.20
CA LYS B 210 28.93 -19.13 -25.64
C LYS B 210 29.29 -17.74 -26.16
N GLU B 211 28.67 -16.69 -25.59
CA GLU B 211 28.98 -15.32 -25.93
C GLU B 211 29.79 -14.72 -24.79
N PRO B 212 31.10 -14.62 -24.91
CA PRO B 212 31.91 -14.11 -23.79
C PRO B 212 31.82 -12.61 -23.65
N SER B 213 31.95 -12.16 -22.41
CA SER B 213 31.95 -10.73 -22.09
C SER B 213 32.80 -10.53 -20.84
N ALA B 214 33.92 -9.82 -20.99
CA ALA B 214 34.86 -9.68 -19.89
C ALA B 214 34.23 -8.94 -18.70
N ARG B 215 33.68 -7.75 -18.95
CA ARG B 215 33.13 -6.97 -17.84
C ARG B 215 31.92 -7.66 -17.23
N LEU B 216 31.07 -8.28 -18.05
CA LEU B 216 29.92 -8.99 -17.49
C LEU B 216 30.37 -10.15 -16.61
N LEU B 217 31.37 -10.90 -17.06
CA LEU B 217 31.89 -12.01 -16.26
C LEU B 217 32.47 -11.51 -14.94
N LYS B 218 33.08 -10.32 -14.94
CA LYS B 218 33.71 -9.81 -13.72
C LYS B 218 32.68 -9.56 -12.62
N HIS B 219 31.54 -8.97 -12.97
CA HIS B 219 30.56 -8.64 -11.95
C HIS B 219 29.65 -9.81 -11.61
N VAL B 220 29.49 -10.77 -12.52
CA VAL B 220 28.82 -12.02 -12.17
C VAL B 220 29.64 -12.77 -11.12
N VAL B 221 30.97 -12.73 -11.23
CA VAL B 221 31.82 -13.39 -10.24
C VAL B 221 31.76 -12.64 -8.92
N ARG B 222 31.74 -11.30 -8.96
CA ARG B 222 31.67 -10.53 -7.73
C ARG B 222 30.38 -10.82 -6.96
N CYS B 223 29.28 -11.01 -7.67
CA CYS B 223 28.02 -11.36 -7.02
C CYS B 223 28.14 -12.72 -6.33
N TYR B 224 28.64 -13.73 -7.05
CA TYR B 224 28.86 -15.05 -6.46
C TYR B 224 29.76 -14.95 -5.23
N LEU B 225 30.86 -14.20 -5.35
CA LEU B 225 31.80 -14.08 -4.24
C LEU B 225 31.13 -13.44 -3.03
N ARG B 226 30.30 -12.42 -3.25
CA ARG B 226 29.62 -11.77 -2.13
C ARG B 226 28.59 -12.70 -1.49
N LEU B 227 27.85 -13.47 -2.30
CA LEU B 227 26.89 -14.43 -1.76
C LEU B 227 27.57 -15.44 -0.85
N SER B 228 28.81 -15.81 -1.15
CA SER B 228 29.52 -16.80 -0.34
C SER B 228 29.85 -16.30 1.07
N ASP B 229 29.73 -15.00 1.33
CA ASP B 229 29.94 -14.49 2.68
C ASP B 229 28.83 -14.89 3.62
N ASN B 230 27.64 -15.19 3.10
CA ASN B 230 26.49 -15.58 3.91
C ASN B 230 26.51 -17.09 4.12
N PRO B 231 26.30 -17.58 5.35
CA PRO B 231 26.38 -19.02 5.59
C PRO B 231 25.34 -19.83 4.86
N ARG B 232 24.07 -19.40 4.91
CA ARG B 232 23.00 -20.15 4.25
C ARG B 232 23.22 -20.19 2.73
N ALA B 233 23.69 -19.08 2.15
CA ALA B 233 23.97 -19.06 0.72
C ALA B 233 25.19 -19.91 0.38
N ARG B 234 26.14 -20.03 1.30
CA ARG B 234 27.36 -20.78 1.03
C ARG B 234 27.06 -22.27 0.90
N GLU B 235 26.13 -22.78 1.70
CA GLU B 235 25.78 -24.20 1.63
C GLU B 235 25.13 -24.54 0.30
N ALA B 236 24.22 -23.68 -0.18
CA ALA B 236 23.53 -23.97 -1.44
C ALA B 236 24.46 -23.84 -2.64
N LEU B 237 25.44 -22.93 -2.57
CA LEU B 237 26.36 -22.75 -3.69
C LEU B 237 27.24 -23.97 -3.91
N ARG B 238 27.46 -24.77 -2.86
CA ARG B 238 28.32 -25.94 -2.98
C ARG B 238 27.72 -27.01 -3.89
N GLN B 239 26.41 -26.99 -4.12
CA GLN B 239 25.76 -27.94 -5.00
C GLN B 239 25.23 -27.33 -6.28
N CYS B 240 25.13 -26.00 -6.36
CA CYS B 240 24.56 -25.34 -7.53
C CYS B 240 25.54 -24.48 -8.30
N LEU B 241 26.78 -24.33 -7.80
CA LEU B 241 27.74 -23.50 -8.51
C LEU B 241 28.01 -24.09 -9.89
N PRO B 242 28.00 -23.28 -10.95
CA PRO B 242 28.29 -23.81 -12.28
C PRO B 242 29.69 -24.39 -12.33
N ASP B 243 29.79 -25.58 -12.94
CA ASP B 243 31.11 -26.21 -13.10
C ASP B 243 32.05 -25.34 -13.91
N GLN B 244 31.51 -24.51 -14.81
CA GLN B 244 32.35 -23.65 -15.65
C GLN B 244 33.14 -22.65 -14.83
N LEU B 245 32.72 -22.37 -13.59
CA LEU B 245 33.51 -21.52 -12.70
C LEU B 245 34.58 -22.29 -11.94
N LYS B 246 34.46 -23.62 -11.84
CA LYS B 246 35.44 -24.43 -11.13
C LYS B 246 36.48 -25.06 -12.05
N ASP B 247 36.15 -25.25 -13.33
CA ASP B 247 37.15 -25.76 -14.27
C ASP B 247 37.85 -24.61 -14.97
N THR B 248 38.35 -24.84 -16.18
CA THR B 248 39.15 -23.86 -16.90
C THR B 248 38.39 -23.27 -18.10
N THR B 249 37.05 -23.24 -18.02
CA THR B 249 36.26 -22.70 -19.13
C THR B 249 36.62 -21.24 -19.41
N PHE B 250 36.75 -20.43 -18.37
CA PHE B 250 37.09 -19.01 -18.53
C PHE B 250 38.56 -18.75 -18.22
N ALA B 251 39.44 -19.68 -18.59
CA ALA B 251 40.85 -19.51 -18.31
C ALA B 251 41.52 -18.54 -19.29
N GLN B 252 41.15 -18.61 -20.57
CA GLN B 252 41.78 -17.76 -21.58
C GLN B 252 41.23 -16.35 -21.55
N VAL B 253 39.93 -16.19 -21.25
CA VAL B 253 39.34 -14.86 -21.20
C VAL B 253 39.84 -14.09 -19.99
N LEU B 254 40.12 -14.78 -18.89
CA LEU B 254 40.57 -14.15 -17.66
C LEU B 254 42.08 -14.00 -17.58
N LYS B 255 42.80 -14.30 -18.67
CA LYS B 255 44.26 -14.33 -18.62
C LYS B 255 44.84 -13.01 -18.12
N ASP B 256 44.31 -11.88 -18.60
CA ASP B 256 44.81 -10.57 -18.21
C ASP B 256 43.88 -9.84 -17.25
N ASP B 257 42.93 -10.54 -16.64
CA ASP B 257 42.01 -9.94 -15.67
C ASP B 257 42.47 -10.38 -14.28
N THR B 258 43.37 -9.60 -13.68
CA THR B 258 43.94 -9.96 -12.39
C THR B 258 42.89 -9.99 -11.29
N THR B 259 42.04 -8.95 -11.23
CA THR B 259 41.11 -8.85 -10.11
C THR B 259 40.04 -9.94 -10.17
N THR B 260 39.52 -10.23 -11.36
CA THR B 260 38.53 -11.29 -11.47
C THR B 260 39.13 -12.65 -11.11
N LYS B 261 40.38 -12.90 -11.52
CA LYS B 261 41.05 -14.12 -11.10
C LYS B 261 41.16 -14.19 -9.58
N ARG B 262 41.46 -13.05 -8.94
CA ARG B 262 41.54 -13.02 -7.48
C ARG B 262 40.18 -13.29 -6.86
N TRP B 263 39.14 -12.63 -7.36
CA TRP B 263 37.78 -12.85 -6.86
C TRP B 263 37.36 -14.30 -7.07
N LEU B 264 37.63 -14.85 -8.26
CA LEU B 264 37.23 -16.22 -8.54
C LEU B 264 37.98 -17.21 -7.66
N ALA B 265 39.25 -16.93 -7.36
CA ALA B 265 40.02 -17.81 -6.49
C ALA B 265 39.53 -17.71 -5.05
N GLN B 266 39.22 -16.50 -4.58
CA GLN B 266 38.65 -16.36 -3.25
C GLN B 266 37.29 -17.04 -3.16
N LEU B 267 36.51 -17.01 -4.25
CA LEU B 267 35.20 -17.66 -4.25
C LEU B 267 35.31 -19.15 -4.05
N VAL B 268 36.20 -19.80 -4.80
CA VAL B 268 36.34 -21.25 -4.71
C VAL B 268 36.89 -21.65 -3.34
N LYS B 269 37.73 -20.81 -2.74
CA LYS B 269 38.23 -21.12 -1.40
C LYS B 269 37.15 -20.93 -0.35
N ASN B 270 36.23 -19.99 -0.56
CA ASN B 270 35.15 -19.78 0.40
C ASN B 270 34.20 -20.98 0.43
N LEU B 271 33.98 -21.62 -0.71
CA LEU B 271 33.08 -22.77 -0.76
C LEU B 271 33.74 -24.04 -0.25
N GLN B 272 35.06 -24.08 -0.18
CA GLN B 272 35.74 -25.25 0.38
C GLN B 272 35.47 -25.36 1.87
N GLU B 273 35.19 -26.58 2.32
CA GLU B 273 34.91 -26.83 3.72
C GLU B 273 36.16 -26.69 4.57
N ASP C 1 18.17 14.21 -36.79
CA ASP C 1 17.16 13.42 -36.09
C ASP C 1 17.75 12.10 -35.58
N ASP C 2 18.07 11.19 -36.50
CA ASP C 2 18.66 9.92 -36.13
C ASP C 2 20.14 10.05 -35.76
N GLN C 3 20.79 11.13 -36.18
CA GLN C 3 22.19 11.34 -35.80
C GLN C 3 22.32 11.67 -34.33
N GLN C 4 21.39 12.45 -33.78
CA GLN C 4 21.49 12.84 -32.38
C GLN C 4 21.23 11.66 -31.45
N LEU C 5 20.27 10.80 -31.81
CA LEU C 5 20.06 9.58 -31.04
C LEU C 5 21.34 8.75 -30.98
N ASP C 6 21.97 8.53 -32.14
CA ASP C 6 23.22 7.77 -32.17
C ASP C 6 24.32 8.48 -31.37
N HIS C 7 24.38 9.81 -31.48
CA HIS C 7 25.37 10.56 -30.70
C HIS C 7 25.11 10.42 -29.20
N ASN C 8 23.85 10.54 -28.79
CA ASN C 8 23.53 10.37 -27.37
C ASN C 8 23.71 8.93 -26.92
N PHE C 9 23.47 7.97 -27.81
CA PHE C 9 23.63 6.56 -27.45
C PHE C 9 25.08 6.22 -27.18
N LYS C 10 26.00 6.72 -28.02
CA LYS C 10 27.41 6.43 -27.81
C LYS C 10 27.90 7.06 -26.51
N GLN C 11 27.39 8.24 -26.16
CA GLN C 11 27.82 8.89 -24.93
C GLN C 11 27.37 8.11 -23.70
N MET C 12 26.14 7.56 -23.73
CA MET C 12 25.68 6.74 -22.62
C MET C 12 26.51 5.48 -22.48
N GLU C 13 26.89 4.87 -23.60
CA GLU C 13 27.77 3.71 -23.54
C GLU C 13 29.10 4.06 -22.88
N GLU C 14 29.66 5.22 -23.22
CA GLU C 14 30.87 5.67 -22.54
C GLU C 14 30.60 5.90 -21.05
N HIS C 15 29.46 6.51 -20.73
CA HIS C 15 29.15 6.82 -19.33
C HIS C 15 28.99 5.56 -18.51
N LEU C 16 28.21 4.60 -19.02
CA LEU C 16 27.97 3.37 -18.28
C LEU C 16 29.21 2.49 -18.19
N ALA C 17 30.15 2.62 -19.13
CA ALA C 17 31.38 1.86 -19.05
C ALA C 17 32.23 2.30 -17.87
N LEU C 18 32.27 3.62 -17.61
CA LEU C 18 33.02 4.12 -16.47
C LEU C 18 32.30 3.82 -15.16
N MET C 19 30.96 3.92 -15.16
CA MET C 19 30.21 3.77 -13.93
C MET C 19 30.33 2.36 -13.36
N VAL C 20 30.22 1.35 -14.23
CA VAL C 20 30.19 -0.03 -13.76
C VAL C 20 31.55 -0.45 -13.19
N GLU C 21 32.64 0.08 -13.72
CA GLU C 21 33.98 -0.27 -13.23
C GLU C 21 34.43 0.66 -12.11
N GLY C 22 34.60 1.94 -12.43
CA GLY C 22 35.04 2.91 -11.44
C GLY C 22 34.02 3.19 -10.37
N VAL D 7 -7.51 -24.53 19.27
CA VAL D 7 -6.26 -23.81 19.50
C VAL D 7 -6.20 -23.30 20.93
N PRO D 8 -5.12 -23.59 21.63
CA PRO D 8 -4.99 -23.13 23.02
C PRO D 8 -4.79 -21.63 23.07
N PRO D 9 -5.26 -20.97 24.14
CA PRO D 9 -5.09 -19.51 24.22
C PRO D 9 -3.66 -19.08 24.54
N GLN D 10 -2.82 -19.97 25.05
CA GLN D 10 -1.45 -19.61 25.37
C GLN D 10 -0.51 -20.00 24.24
N PRO D 11 0.42 -19.12 23.87
CA PRO D 11 1.33 -19.44 22.77
C PRO D 11 2.35 -20.49 23.18
N GLN D 12 2.68 -21.37 22.25
CA GLN D 12 3.62 -22.46 22.49
C GLN D 12 5.04 -22.10 22.11
N TYR D 13 5.22 -21.47 20.96
CA TYR D 13 6.54 -21.22 20.39
C TYR D 13 7.04 -19.83 20.76
N SER D 14 8.35 -19.72 20.95
CA SER D 14 9.01 -18.43 21.05
C SER D 14 9.46 -17.97 19.67
N TYR D 15 9.97 -16.75 19.61
CA TYR D 15 10.33 -16.18 18.31
C TYR D 15 11.53 -16.89 17.69
N HIS D 16 12.41 -17.46 18.50
CA HIS D 16 13.63 -18.11 18.02
C HIS D 16 13.45 -19.60 17.78
N ASP D 17 12.21 -20.11 17.84
CA ASP D 17 11.98 -21.54 17.69
C ASP D 17 11.66 -21.94 16.26
N ILE D 18 11.10 -21.03 15.46
CA ILE D 18 10.62 -21.35 14.12
C ILE D 18 11.52 -20.66 13.11
N ASN D 19 12.18 -21.45 12.26
CA ASN D 19 13.00 -20.93 11.18
C ASN D 19 12.13 -20.69 9.95
N VAL D 20 12.30 -19.52 9.33
CA VAL D 20 11.46 -19.08 8.23
C VAL D 20 12.23 -19.01 6.92
N TYR D 21 13.46 -19.55 6.89
CA TYR D 21 14.23 -19.53 5.64
C TYR D 21 13.53 -20.32 4.54
N SER D 22 12.79 -21.36 4.90
CA SER D 22 12.07 -22.17 3.93
C SER D 22 10.86 -22.79 4.61
N LEU D 23 9.97 -23.36 3.79
CA LEU D 23 8.80 -24.05 4.33
C LEU D 23 9.17 -25.25 5.18
N ALA D 24 10.41 -25.74 5.07
CA ALA D 24 10.86 -26.88 5.86
C ALA D 24 10.97 -26.55 7.34
N GLY D 25 10.91 -25.28 7.72
CA GLY D 25 10.91 -24.92 9.13
C GLY D 25 9.66 -25.34 9.87
N LEU D 26 8.59 -25.68 9.14
CA LEU D 26 7.35 -26.13 9.76
C LEU D 26 7.44 -27.59 10.21
N ALA D 27 8.21 -28.41 9.50
CA ALA D 27 8.22 -29.85 9.76
C ALA D 27 8.64 -30.21 11.17
N PRO D 28 9.74 -29.70 11.74
CA PRO D 28 10.14 -30.13 13.09
C PRO D 28 9.19 -29.68 14.20
N HIS D 29 8.12 -28.95 13.88
CA HIS D 29 7.17 -28.47 14.88
C HIS D 29 5.76 -29.01 14.66
N ILE D 30 5.57 -29.92 13.71
CA ILE D 30 4.23 -30.45 13.44
C ILE D 30 3.84 -31.43 14.54
N THR D 31 2.71 -31.17 15.18
CA THR D 31 2.18 -32.05 16.22
C THR D 31 1.25 -33.08 15.58
N LEU D 32 1.56 -34.35 15.77
CA LEU D 32 0.82 -35.45 15.16
C LEU D 32 0.31 -36.37 16.26
N ASN D 33 -0.98 -36.29 16.55
CA ASN D 33 -1.57 -37.13 17.58
C ASN D 33 -1.72 -38.55 17.06
N PRO D 34 -1.11 -39.54 17.72
CA PRO D 34 -1.20 -40.93 17.22
C PRO D 34 -2.53 -41.61 17.52
N THR D 35 -3.35 -41.06 18.41
CA THR D 35 -4.63 -41.66 18.77
C THR D 35 -5.77 -41.23 17.85
N ILE D 36 -5.46 -40.61 16.72
CA ILE D 36 -6.50 -40.20 15.78
C ILE D 36 -7.10 -41.43 15.11
N PRO D 37 -8.42 -41.56 15.02
CA PRO D 37 -9.02 -42.79 14.48
C PRO D 37 -8.61 -43.09 13.04
N LEU D 38 -8.38 -42.07 12.22
CA LEU D 38 -7.98 -42.31 10.83
C LEU D 38 -6.58 -42.93 10.75
N PHE D 39 -5.69 -42.55 11.67
CA PHE D 39 -4.31 -43.02 11.62
C PHE D 39 -4.16 -44.45 12.13
N GLN D 40 -5.11 -44.94 12.93
CA GLN D 40 -5.02 -46.30 13.43
C GLN D 40 -5.39 -47.33 12.37
N ALA D 41 -6.32 -47.00 11.47
CA ALA D 41 -6.70 -47.90 10.40
C ALA D 41 -5.84 -47.73 9.16
N HIS D 42 -5.37 -46.52 8.88
CA HIS D 42 -4.53 -46.21 7.72
C HIS D 42 -3.34 -45.38 8.18
N PRO D 43 -2.30 -46.02 8.72
CA PRO D 43 -1.13 -45.27 9.17
C PRO D 43 -0.32 -44.68 8.04
N GLN D 44 -0.48 -45.14 6.80
CA GLN D 44 0.30 -44.63 5.68
C GLN D 44 -0.07 -43.20 5.33
N LEU D 45 -1.18 -42.68 5.82
CA LEU D 45 -1.59 -41.31 5.57
C LEU D 45 -0.97 -40.33 6.56
N LYS D 46 -0.16 -40.81 7.51
CA LYS D 46 0.50 -39.91 8.45
C LYS D 46 1.53 -39.04 7.76
N GLN D 47 2.11 -39.51 6.65
CA GLN D 47 3.21 -38.81 6.01
C GLN D 47 2.74 -37.64 5.16
N CYS D 48 1.57 -37.73 4.54
CA CYS D 48 1.07 -36.70 3.65
C CYS D 48 0.49 -35.49 4.38
N VAL D 49 0.65 -35.41 5.70
CA VAL D 49 0.13 -34.27 6.45
C VAL D 49 0.99 -33.04 6.23
N ARG D 50 2.30 -33.22 6.03
CA ARG D 50 3.21 -32.09 5.87
C ARG D 50 2.92 -31.32 4.59
N GLN D 51 2.58 -32.02 3.50
CA GLN D 51 2.29 -31.34 2.25
C GLN D 51 1.06 -30.46 2.34
N ALA D 52 0.07 -30.86 3.15
CA ALA D 52 -1.13 -30.05 3.32
C ALA D 52 -0.83 -28.78 4.11
N ILE D 53 0.01 -28.88 5.14
CA ILE D 53 0.37 -27.70 5.92
C ILE D 53 1.23 -26.76 5.10
N GLU D 54 2.22 -27.31 4.37
CA GLU D 54 3.08 -26.47 3.55
C GLU D 54 2.29 -25.76 2.46
N ARG D 55 1.38 -26.49 1.80
CA ARG D 55 0.59 -25.89 0.73
C ARG D 55 -0.32 -24.78 1.25
N ALA D 56 -0.83 -24.93 2.47
CA ALA D 56 -1.69 -23.89 3.04
C ALA D 56 -0.88 -22.63 3.35
N VAL D 57 0.30 -22.79 3.95
CA VAL D 57 1.13 -21.64 4.28
C VAL D 57 1.66 -20.98 3.02
N GLN D 58 1.99 -21.78 2.00
CA GLN D 58 2.58 -21.23 0.78
C GLN D 58 1.60 -20.35 0.02
N GLU D 59 0.31 -20.68 0.06
CA GLU D 59 -0.69 -19.90 -0.66
C GLU D 59 -1.13 -18.65 0.08
N LEU D 60 -0.82 -18.52 1.37
CA LEU D 60 -1.26 -17.40 2.18
C LEU D 60 -0.14 -16.49 2.68
N VAL D 61 1.11 -16.93 2.64
CA VAL D 61 2.18 -16.14 3.28
C VAL D 61 2.33 -14.78 2.61
N HIS D 62 2.39 -14.76 1.28
CA HIS D 62 2.64 -13.50 0.58
C HIS D 62 1.45 -12.54 0.66
N PRO D 63 0.21 -12.94 0.39
CA PRO D 63 -0.90 -11.98 0.50
C PRO D 63 -1.13 -11.49 1.92
N VAL D 64 -0.86 -12.31 2.94
CA VAL D 64 -1.03 -11.88 4.32
C VAL D 64 0.09 -10.94 4.74
N VAL D 65 1.33 -11.24 4.36
CA VAL D 65 2.45 -10.37 4.70
C VAL D 65 2.26 -8.98 4.11
N ASP D 66 1.81 -8.90 2.86
CA ASP D 66 1.66 -7.60 2.21
C ASP D 66 0.55 -6.79 2.86
N ARG D 67 -0.55 -7.44 3.25
CA ARG D 67 -1.64 -6.72 3.89
C ARG D 67 -1.29 -6.32 5.32
N SER D 68 -0.60 -7.20 6.04
CA SER D 68 -0.23 -6.90 7.43
C SER D 68 0.76 -5.74 7.50
N ILE D 69 1.74 -5.70 6.60
CA ILE D 69 2.70 -4.61 6.59
C ILE D 69 2.02 -3.31 6.19
N LYS D 70 1.10 -3.36 5.23
CA LYS D 70 0.43 -2.15 4.75
C LYS D 70 -0.39 -1.50 5.85
N ILE D 71 -1.12 -2.31 6.64
CA ILE D 71 -2.00 -1.76 7.65
C ILE D 71 -1.20 -1.19 8.82
N ALA D 72 -0.10 -1.84 9.18
CA ALA D 72 0.69 -1.42 10.33
C ALA D 72 1.73 -0.36 10.01
N MET D 73 2.09 -0.19 8.74
CA MET D 73 3.21 0.69 8.38
C MET D 73 2.92 2.15 8.75
N THR D 74 1.82 2.69 8.25
CA THR D 74 1.53 4.10 8.45
C THR D 74 1.35 4.42 9.93
N THR D 75 0.70 3.52 10.68
CA THR D 75 0.46 3.77 12.10
C THR D 75 1.77 3.87 12.87
N CYS D 76 2.70 2.94 12.62
CA CYS D 76 3.97 2.97 13.32
C CYS D 76 4.80 4.18 12.91
N GLU D 77 4.73 4.57 11.64
CA GLU D 77 5.50 5.71 11.17
C GLU D 77 5.05 6.99 11.86
N GLN D 78 3.74 7.25 11.87
CA GLN D 78 3.24 8.49 12.44
C GLN D 78 3.46 8.57 13.95
N ILE D 79 3.27 7.45 14.65
CA ILE D 79 3.40 7.46 16.10
C ILE D 79 4.86 7.61 16.52
N VAL D 80 5.77 6.89 15.85
CA VAL D 80 7.19 6.99 16.19
C VAL D 80 7.73 8.38 15.86
N ARG D 81 7.34 8.93 14.70
CA ARG D 81 7.75 10.28 14.34
C ARG D 81 7.30 11.29 15.38
N LYS D 82 6.09 11.11 15.91
CA LYS D 82 5.55 12.04 16.90
C LYS D 82 6.26 11.88 18.24
N ASP D 83 6.44 10.65 18.70
CA ASP D 83 7.04 10.42 20.01
C ASP D 83 8.51 10.83 20.06
N PHE D 84 9.21 10.72 18.93
CA PHE D 84 10.65 10.97 18.90
C PHE D 84 11.02 12.23 18.12
N ALA D 85 10.09 13.18 17.99
CA ALA D 85 10.35 14.38 17.21
C ALA D 85 11.42 15.27 17.83
N LEU D 86 11.73 15.06 19.12
CA LEU D 86 12.76 15.85 19.80
C LEU D 86 13.94 14.98 20.21
N ASP D 87 14.08 13.79 19.63
CA ASP D 87 15.19 12.88 19.90
C ASP D 87 16.15 12.95 18.71
N SER D 88 17.32 13.53 18.93
CA SER D 88 18.28 13.72 17.85
C SER D 88 19.03 12.44 17.47
N GLU D 89 18.97 11.40 18.32
CA GLU D 89 19.65 10.14 18.04
C GLU D 89 18.70 9.25 17.24
N GLU D 90 18.97 9.11 15.94
CA GLU D 90 18.16 8.23 15.09
C GLU D 90 18.28 6.77 15.49
N SER D 91 19.29 6.42 16.30
CA SER D 91 19.42 5.04 16.76
C SER D 91 18.23 4.64 17.63
N ARG D 92 17.92 5.45 18.64
CA ARG D 92 16.80 5.13 19.53
C ARG D 92 15.48 5.14 18.77
N MET D 93 15.31 6.09 17.85
CA MET D 93 14.09 6.16 17.06
C MET D 93 13.93 4.92 16.18
N ARG D 94 15.01 4.51 15.51
CA ARG D 94 14.94 3.34 14.63
C ARG D 94 14.68 2.06 15.42
N ILE D 95 15.34 1.92 16.58
CA ILE D 95 15.14 0.73 17.41
C ILE D 95 13.69 0.64 17.85
N ALA D 96 13.16 1.71 18.44
CA ALA D 96 11.78 1.70 18.91
C ALA D 96 10.79 1.57 17.77
N ALA D 97 11.12 2.09 16.58
CA ALA D 97 10.26 1.92 15.42
C ALA D 97 10.19 0.46 15.01
N HIS D 98 11.30 -0.27 15.12
CA HIS D 98 11.29 -1.69 14.82
C HIS D 98 10.53 -2.47 15.89
N HIS D 99 10.74 -2.14 17.16
CA HIS D 99 10.01 -2.81 18.24
C HIS D 99 8.51 -2.68 18.06
N MET D 100 8.03 -1.48 17.71
CA MET D 100 6.61 -1.26 17.52
C MET D 100 6.11 -1.90 16.22
N MET D 101 6.91 -1.80 15.15
CA MET D 101 6.48 -2.35 13.87
C MET D 101 6.36 -3.87 13.93
N ARG D 102 7.33 -4.55 14.55
CA ARG D 102 7.28 -6.00 14.60
C ARG D 102 6.15 -6.50 15.49
N ASN D 103 5.75 -5.70 16.48
CA ASN D 103 4.64 -6.09 17.34
C ASN D 103 3.29 -5.88 16.66
N LEU D 104 3.11 -4.74 15.98
CA LEU D 104 1.83 -4.47 15.33
C LEU D 104 1.67 -5.29 14.06
N THR D 105 2.77 -5.58 13.35
CA THR D 105 2.67 -6.41 12.16
C THR D 105 2.30 -7.85 12.51
N ALA D 106 2.92 -8.39 13.57
CA ALA D 106 2.59 -9.75 14.00
C ALA D 106 1.12 -9.85 14.41
N GLY D 107 0.60 -8.82 15.07
CA GLY D 107 -0.80 -8.84 15.46
C GLY D 107 -1.73 -8.83 14.27
N MET D 108 -1.48 -7.92 13.32
CA MET D 108 -2.33 -7.85 12.14
C MET D 108 -2.22 -9.11 11.29
N ALA D 109 -1.06 -9.75 11.27
CA ALA D 109 -0.93 -11.01 10.55
C ALA D 109 -1.74 -12.11 11.20
N MET D 110 -1.82 -12.11 12.53
CA MET D 110 -2.60 -13.12 13.24
C MET D 110 -4.08 -12.99 12.93
N ILE D 111 -4.61 -11.77 12.99
CA ILE D 111 -6.02 -11.54 12.70
C ILE D 111 -6.35 -11.93 11.26
N THR D 112 -5.38 -11.80 10.36
CA THR D 112 -5.66 -11.97 8.94
C THR D 112 -5.62 -13.43 8.50
N CYS D 113 -4.78 -14.25 9.14
CA CYS D 113 -4.52 -15.58 8.62
C CYS D 113 -5.09 -16.72 9.47
N ARG D 114 -5.48 -16.45 10.72
CA ARG D 114 -5.94 -17.53 11.59
C ARG D 114 -7.13 -18.28 10.99
N GLU D 115 -8.14 -17.54 10.53
CA GLU D 115 -9.31 -18.20 9.94
C GLU D 115 -8.99 -18.83 8.58
N PRO D 116 -8.32 -18.14 7.64
CA PRO D 116 -8.00 -18.82 6.37
C PRO D 116 -7.11 -20.03 6.52
N LEU D 117 -6.21 -20.04 7.52
CA LEU D 117 -5.35 -21.20 7.71
C LEU D 117 -6.14 -22.41 8.18
N LEU D 118 -7.09 -22.22 9.10
CA LEU D 118 -7.95 -23.31 9.50
C LEU D 118 -8.77 -23.83 8.32
N MET D 119 -9.18 -22.93 7.42
CA MET D 119 -9.96 -23.34 6.27
C MET D 119 -9.09 -24.01 5.21
N SER D 120 -7.86 -23.52 5.03
CA SER D 120 -6.98 -24.04 4.00
C SER D 120 -6.39 -25.40 4.37
N ILE D 121 -6.03 -25.58 5.65
CA ILE D 121 -5.43 -26.85 6.06
C ILE D 121 -6.44 -27.98 5.98
N SER D 122 -7.68 -27.73 6.39
CA SER D 122 -8.71 -28.76 6.33
C SER D 122 -9.06 -29.11 4.88
N THR D 123 -9.07 -28.11 4.00
CA THR D 123 -9.38 -28.39 2.59
C THR D 123 -8.26 -29.17 1.93
N ASN D 124 -7.00 -28.83 2.23
CA ASN D 124 -5.88 -29.56 1.66
C ASN D 124 -5.82 -31.00 2.14
N LEU D 125 -6.26 -31.25 3.38
CA LEU D 125 -6.27 -32.62 3.89
C LEU D 125 -7.36 -33.45 3.24
N LYS D 126 -8.52 -32.85 2.96
CA LYS D 126 -9.59 -33.58 2.29
C LYS D 126 -9.20 -34.00 0.87
N ASN D 127 -8.41 -33.18 0.19
CA ASN D 127 -8.00 -33.51 -1.17
C ASN D 127 -6.88 -34.55 -1.20
N SER D 128 -5.97 -34.50 -0.22
CA SER D 128 -4.91 -35.49 -0.15
C SER D 128 -5.43 -36.84 0.30
N PHE D 129 -6.51 -36.86 1.09
CA PHE D 129 -7.10 -38.12 1.53
C PHE D 129 -7.96 -38.74 0.44
N ALA D 130 -8.67 -37.92 -0.34
CA ALA D 130 -9.54 -38.46 -1.37
C ALA D 130 -8.74 -38.98 -2.56
N SER D 131 -7.68 -38.28 -2.94
CA SER D 131 -6.85 -38.69 -4.08
C SER D 131 -6.07 -39.95 -3.74
N ALA D 136 -13.53 -45.15 0.39
CA ALA D 136 -14.54 -44.09 0.29
C ALA D 136 -15.81 -44.47 1.03
N SER D 137 -15.65 -45.30 2.08
CA SER D 137 -16.80 -45.74 2.86
C SER D 137 -17.39 -44.57 3.66
N PRO D 138 -18.69 -44.61 3.94
CA PRO D 138 -19.28 -43.59 4.82
C PRO D 138 -18.62 -43.54 6.19
N GLN D 139 -18.14 -44.67 6.69
CA GLN D 139 -17.36 -44.66 7.93
C GLN D 139 -15.98 -44.04 7.70
N GLN D 140 -15.39 -44.26 6.51
CA GLN D 140 -14.08 -43.71 6.22
C GLN D 140 -14.14 -42.20 6.06
N ARG D 141 -15.22 -41.68 5.46
CA ARG D 141 -15.36 -40.24 5.32
C ARG D 141 -15.46 -39.55 6.68
N GLU D 142 -16.12 -40.21 7.65
CA GLU D 142 -16.12 -39.69 9.01
C GLU D 142 -14.74 -39.77 9.64
N MET D 143 -13.99 -40.84 9.35
CA MET D 143 -12.64 -40.98 9.87
C MET D 143 -11.71 -39.91 9.31
N MET D 144 -11.88 -39.55 8.04
CA MET D 144 -11.01 -38.57 7.41
C MET D 144 -11.36 -37.14 7.80
N ASP D 145 -12.66 -36.82 7.86
CA ASP D 145 -13.05 -35.45 8.17
C ASP D 145 -12.75 -35.10 9.62
N GLN D 146 -13.00 -36.01 10.55
CA GLN D 146 -12.66 -35.75 11.94
C GLN D 146 -11.16 -35.62 12.14
N ALA D 147 -10.37 -36.32 11.31
CA ALA D 147 -8.92 -36.18 11.36
C ALA D 147 -8.46 -34.90 10.70
N ALA D 148 -9.10 -34.53 9.57
CA ALA D 148 -8.71 -33.32 8.86
C ALA D 148 -9.00 -32.07 9.69
N ALA D 149 -10.14 -32.07 10.39
CA ALA D 149 -10.48 -30.91 11.23
C ALA D 149 -9.60 -30.86 12.48
N GLN D 150 -9.22 -32.01 13.04
CA GLN D 150 -8.40 -32.02 14.24
C GLN D 150 -6.98 -31.58 13.94
N LEU D 151 -6.42 -32.02 12.81
CA LEU D 151 -5.05 -31.64 12.45
C LEU D 151 -4.95 -30.14 12.16
N ALA D 152 -6.01 -29.55 11.60
CA ALA D 152 -5.99 -28.11 11.36
C ALA D 152 -5.98 -27.33 12.67
N GLN D 153 -6.74 -27.78 13.67
CA GLN D 153 -6.76 -27.11 14.96
C GLN D 153 -5.44 -27.31 15.70
N ASP D 154 -4.78 -28.45 15.52
CA ASP D 154 -3.56 -28.76 16.26
C ASP D 154 -2.31 -28.14 15.65
N ASN D 155 -2.40 -27.58 14.44
CA ASN D 155 -1.23 -26.99 13.78
C ASN D 155 -1.51 -25.58 13.25
N CYS D 156 -2.66 -24.99 13.59
CA CYS D 156 -2.96 -23.65 13.09
C CYS D 156 -2.03 -22.61 13.70
N GLU D 157 -1.61 -22.81 14.95
CA GLU D 157 -0.71 -21.85 15.58
C GLU D 157 0.67 -21.90 14.97
N LEU D 158 1.15 -23.09 14.60
CA LEU D 158 2.45 -23.21 13.94
C LEU D 158 2.43 -22.50 12.59
N ALA D 159 1.38 -22.72 11.79
CA ALA D 159 1.26 -22.06 10.51
C ALA D 159 1.18 -20.55 10.67
N CYS D 160 0.48 -20.09 11.70
CA CYS D 160 0.33 -18.65 11.93
C CYS D 160 1.66 -18.01 12.32
N CYS D 161 2.39 -18.63 13.26
CA CYS D 161 3.67 -18.08 13.69
C CYS D 161 4.66 -17.97 12.54
N PHE D 162 4.61 -18.93 11.60
CA PHE D 162 5.49 -18.86 10.44
C PHE D 162 5.20 -17.64 9.60
N ILE D 163 3.93 -17.41 9.27
CA ILE D 163 3.56 -16.26 8.46
C ILE D 163 3.81 -14.96 9.22
N GLN D 164 3.63 -14.97 10.54
CA GLN D 164 3.90 -13.78 11.34
C GLN D 164 5.37 -13.39 11.26
N LYS D 165 6.28 -14.35 11.47
CA LYS D 165 7.70 -14.04 11.47
C LYS D 165 8.18 -13.62 10.09
N THR D 166 7.54 -14.12 9.02
CA THR D 166 7.87 -13.64 7.67
C THR D 166 7.59 -12.15 7.55
N ALA D 167 6.39 -11.73 7.93
CA ALA D 167 6.04 -10.32 7.86
C ALA D 167 6.93 -9.48 8.77
N VAL D 168 7.24 -9.99 9.95
CA VAL D 168 8.09 -9.26 10.89
C VAL D 168 9.46 -9.01 10.29
N GLU D 169 10.10 -10.06 9.76
CA GLU D 169 11.42 -9.89 9.17
C GLU D 169 11.38 -9.09 7.87
N LYS D 170 10.25 -9.08 7.17
CA LYS D 170 10.14 -8.26 5.97
C LYS D 170 9.82 -6.81 6.30
N ALA D 171 9.11 -6.55 7.40
CA ALA D 171 8.76 -5.18 7.75
C ALA D 171 9.98 -4.35 8.13
N GLY D 172 11.11 -4.97 8.43
CA GLY D 172 12.32 -4.27 8.80
C GLY D 172 12.74 -3.24 7.78
N PRO D 173 13.15 -3.69 6.59
CA PRO D 173 13.53 -2.74 5.53
C PRO D 173 12.41 -1.80 5.12
N GLU D 174 11.16 -2.24 5.23
CA GLU D 174 10.03 -1.39 4.86
C GLU D 174 9.87 -0.23 5.84
N MET D 175 10.14 -0.46 7.13
CA MET D 175 10.07 0.61 8.11
C MET D 175 11.23 1.57 7.95
N ASP D 176 12.43 1.05 7.67
CA ASP D 176 13.58 1.91 7.44
C ASP D 176 13.40 2.78 6.21
N LYS D 177 12.60 2.31 5.24
CA LYS D 177 12.34 3.10 4.05
C LYS D 177 11.40 4.26 4.36
N ARG D 178 10.38 4.04 5.20
CA ARG D 178 9.43 5.08 5.52
C ARG D 178 10.05 6.16 6.42
N LEU D 179 11.01 5.79 7.25
CA LEU D 179 11.68 6.74 8.13
C LEU D 179 12.99 7.26 7.54
N ALA D 180 13.16 7.18 6.23
CA ALA D 180 14.40 7.62 5.61
C ALA D 180 14.65 9.11 5.85
N THR D 181 13.64 9.94 5.56
CA THR D 181 13.82 11.39 5.74
C THR D 181 14.06 11.73 7.19
N GLU D 182 13.49 10.95 8.13
CA GLU D 182 13.75 11.19 9.54
C GLU D 182 15.20 10.86 9.89
N PHE D 183 15.71 9.73 9.39
CA PHE D 183 17.09 9.37 9.68
C PHE D 183 18.08 10.35 9.06
N GLU D 184 17.73 10.93 7.92
CA GLU D 184 18.63 11.87 7.26
C GLU D 184 18.62 13.25 7.93
N LEU D 185 17.47 13.69 8.44
CA LEU D 185 17.41 14.97 9.15
C LEU D 185 18.31 14.94 10.37
N ARG D 186 18.33 13.82 11.10
CA ARG D 186 19.15 13.72 12.30
C ARG D 186 20.61 13.45 11.97
N LYS D 187 20.90 12.74 10.88
CA LYS D 187 22.28 12.51 10.50
C LYS D 187 22.90 13.76 9.89
N HIS D 188 22.14 14.49 9.07
CA HIS D 188 22.65 15.73 8.48
C HIS D 188 22.88 16.79 9.55
N ALA D 189 22.09 16.78 10.62
CA ALA D 189 22.30 17.76 11.68
C ALA D 189 23.54 17.43 12.50
N ARG D 190 23.81 16.13 12.70
CA ARG D 190 24.98 15.73 13.48
C ARG D 190 26.28 16.11 12.77
N GLN D 191 26.30 16.02 11.44
CA GLN D 191 27.50 16.41 10.70
C GLN D 191 27.73 17.92 10.73
N GLU D 192 26.65 18.69 10.90
CA GLU D 192 26.76 20.13 11.07
C GLU D 192 27.03 20.54 12.52
N GLY D 193 27.19 19.58 13.42
CA GLY D 193 27.54 19.87 14.79
C GLY D 193 26.40 20.43 15.63
N ARG D 194 25.23 19.80 15.53
CA ARG D 194 24.08 20.22 16.32
C ARG D 194 23.04 19.12 16.32
N ARG D 195 22.31 19.01 17.42
CA ARG D 195 21.23 18.05 17.52
C ARG D 195 20.06 18.47 16.65
N TYR D 196 19.21 17.50 16.31
CA TYR D 196 18.01 17.77 15.53
C TYR D 196 16.79 17.80 16.43
N CYS D 197 15.93 18.79 16.22
CA CYS D 197 14.63 18.87 16.85
C CYS D 197 13.63 19.33 15.81
N ASP D 198 12.51 18.64 15.70
CA ASP D 198 11.43 19.07 14.83
C ASP D 198 11.00 20.47 15.25
N PRO D 199 11.17 21.49 14.39
CA PRO D 199 10.82 22.87 14.82
C PRO D 199 9.36 23.04 15.18
N VAL D 200 8.46 22.38 14.45
CA VAL D 200 7.03 22.50 14.73
C VAL D 200 6.70 21.87 16.08
N VAL D 201 7.22 20.67 16.34
CA VAL D 201 6.93 20.00 17.59
C VAL D 201 7.64 20.70 18.76
N LEU D 202 8.83 21.24 18.51
CA LEU D 202 9.55 21.94 19.57
C LEU D 202 8.77 23.17 20.05
N THR D 203 8.18 23.91 19.11
CA THR D 203 7.41 25.10 19.48
C THR D 203 6.12 24.72 20.19
N TYR D 204 5.42 23.71 19.69
CA TYR D 204 4.16 23.30 20.30
C TYR D 204 4.37 22.80 21.72
N GLN D 205 5.37 21.95 21.93
CA GLN D 205 5.63 21.42 23.26
C GLN D 205 6.06 22.51 24.22
N ALA D 206 6.90 23.44 23.77
CA ALA D 206 7.40 24.49 24.65
C ALA D 206 6.31 25.49 25.02
N GLU D 207 5.29 25.64 24.19
CA GLU D 207 4.29 26.68 24.39
C GLU D 207 2.96 26.17 24.92
N ARG D 208 2.53 24.97 24.52
CA ARG D 208 1.18 24.51 24.84
C ARG D 208 1.13 23.23 25.66
N MET D 209 2.27 22.65 26.03
CA MET D 209 2.18 21.41 26.79
C MET D 209 2.58 21.62 28.25
N PRO D 210 1.81 21.06 29.18
CA PRO D 210 2.18 21.17 30.60
C PRO D 210 3.52 20.51 30.88
N GLU D 211 4.18 20.99 31.94
CA GLU D 211 5.53 20.55 32.27
C GLU D 211 5.58 19.05 32.54
N GLN D 212 4.59 18.52 33.26
CA GLN D 212 4.65 17.14 33.71
C GLN D 212 4.53 16.13 32.56
N ILE D 213 3.92 16.53 31.44
CA ILE D 213 3.73 15.65 30.30
C ILE D 213 4.39 16.18 29.04
N ARG D 214 5.27 17.18 29.17
CA ARG D 214 5.92 17.78 28.02
C ARG D 214 7.06 16.90 27.53
N LEU D 215 7.22 16.84 26.21
CA LEU D 215 8.35 16.12 25.63
C LEU D 215 9.67 16.79 26.02
N LYS D 216 10.58 16.00 26.58
CA LYS D 216 11.88 16.53 26.96
C LYS D 216 12.72 16.78 25.73
N VAL D 217 13.52 17.85 25.76
CA VAL D 217 14.34 18.19 24.61
C VAL D 217 15.53 17.25 24.51
N GLY D 218 16.23 17.03 25.62
CA GLY D 218 17.37 16.12 25.63
C GLY D 218 16.97 14.68 25.45
N GLY D 219 16.59 14.30 24.23
CA GLY D 219 16.16 12.95 23.98
C GLY D 219 14.86 12.63 24.70
N VAL D 220 14.71 11.36 25.07
CA VAL D 220 13.53 10.89 25.79
C VAL D 220 13.99 10.19 27.06
N ASP D 221 13.20 10.35 28.12
CA ASP D 221 13.52 9.69 29.39
C ASP D 221 13.48 8.18 29.20
N PRO D 222 14.53 7.45 29.60
CA PRO D 222 14.52 6.00 29.42
C PRO D 222 13.40 5.29 30.15
N LYS D 223 12.89 5.86 31.25
CA LYS D 223 11.75 5.25 31.94
C LYS D 223 10.48 5.32 31.11
N GLN D 224 10.39 6.30 30.21
CA GLN D 224 9.24 6.42 29.33
C GLN D 224 9.27 5.44 28.17
N LEU D 225 10.41 4.78 27.94
CA LEU D 225 10.54 3.78 26.88
C LEU D 225 9.93 2.43 27.25
N ALA D 226 9.13 2.38 28.32
CA ALA D 226 8.53 1.11 28.73
C ALA D 226 7.54 0.61 27.69
N VAL D 227 6.93 1.52 26.92
CA VAL D 227 5.97 1.11 25.90
C VAL D 227 6.67 0.38 24.76
N TYR D 228 7.70 1.02 24.18
CA TYR D 228 8.39 0.42 23.05
C TYR D 228 9.20 -0.80 23.46
N GLU D 229 9.73 -0.81 24.68
CA GLU D 229 10.42 -2.00 25.17
C GLU D 229 9.45 -3.13 25.50
N GLU D 230 8.17 -2.81 25.73
CA GLU D 230 7.15 -3.85 25.88
C GLU D 230 6.68 -4.38 24.53
N PHE D 231 6.77 -3.57 23.48
CA PHE D 231 6.44 -4.03 22.14
C PHE D 231 7.34 -5.19 21.71
N ALA D 232 8.61 -5.15 22.10
CA ALA D 232 9.55 -6.20 21.73
C ALA D 232 9.55 -7.37 22.69
N ARG D 233 9.21 -7.13 23.96
CA ARG D 233 9.19 -8.22 24.94
C ARG D 233 7.99 -9.14 24.73
N ASN D 234 6.80 -8.56 24.59
CA ASN D 234 5.57 -9.33 24.44
C ASN D 234 5.01 -9.09 23.04
N VAL D 235 5.36 -9.98 22.13
CA VAL D 235 4.85 -9.95 20.76
C VAL D 235 3.69 -10.95 20.66
N PRO D 236 2.55 -10.55 20.09
CA PRO D 236 1.40 -11.48 20.05
C PRO D 236 1.74 -12.74 19.24
N GLY D 237 1.35 -13.89 19.80
CA GLY D 237 1.58 -15.17 19.16
C GLY D 237 2.83 -15.89 19.60
N PHE D 238 3.68 -15.26 20.40
CA PHE D 238 4.94 -15.85 20.82
C PHE D 238 5.13 -15.67 22.32
N LEU D 239 6.01 -16.48 22.89
CA LEU D 239 6.32 -16.38 24.31
C LEU D 239 7.12 -15.10 24.58
N PRO D 240 6.91 -14.46 25.73
CA PRO D 240 7.72 -13.29 26.07
C PRO D 240 9.19 -13.67 26.25
N THR D 241 10.08 -12.78 25.83
CA THR D 241 11.51 -13.06 25.93
C THR D 241 11.96 -13.18 27.38
N ASN D 242 11.34 -12.41 28.28
CA ASN D 242 11.65 -12.48 29.70
C ASN D 242 10.51 -11.85 30.47
N ASP D 243 10.49 -12.12 31.78
CA ASP D 243 9.41 -11.62 32.64
C ASP D 243 9.69 -10.20 33.11
N LEU D 244 8.64 -9.41 33.19
CA LEU D 244 8.74 -8.04 33.70
C LEU D 244 7.34 -7.51 34.02
N HIS E 3 -8.34 23.13 42.45
CA HIS E 3 -8.50 22.55 41.12
C HIS E 3 -7.15 22.19 40.51
N MET E 4 -6.08 22.76 41.08
CA MET E 4 -4.74 22.49 40.58
C MET E 4 -4.24 21.12 41.00
N LEU E 5 -4.63 20.65 42.20
CA LEU E 5 -4.22 19.32 42.64
C LEU E 5 -4.90 18.22 41.84
N GLU E 6 -6.11 18.49 41.32
CA GLU E 6 -6.79 17.49 40.50
C GLU E 6 -6.13 17.35 39.14
N ARG E 7 -5.62 18.45 38.58
CA ARG E 7 -4.94 18.37 37.29
C ARG E 7 -3.57 17.72 37.42
N GLU E 8 -2.92 17.83 38.58
CA GLU E 8 -1.67 17.12 38.80
C GLU E 8 -1.88 15.61 38.81
N LYS E 9 -3.04 15.15 39.31
CA LYS E 9 -3.35 13.74 39.22
C LYS E 9 -3.61 13.30 37.78
N ILE E 10 -4.13 14.21 36.95
CA ILE E 10 -4.30 13.90 35.53
C ILE E 10 -2.94 13.72 34.87
N TYR E 11 -1.99 14.59 35.18
CA TYR E 11 -0.64 14.46 34.62
C TYR E 11 0.03 13.19 35.10
N GLN E 12 -0.18 12.84 36.37
CA GLN E 12 0.43 11.63 36.92
C GLN E 12 -0.15 10.38 36.27
N TRP E 13 -1.45 10.40 35.95
CA TRP E 13 -2.06 9.25 35.30
C TRP E 13 -1.58 9.11 33.85
N ILE E 14 -1.38 10.23 33.17
CA ILE E 14 -0.89 10.17 31.79
C ILE E 14 0.52 9.58 31.74
N ASN E 15 1.39 10.03 32.65
CA ASN E 15 2.74 9.47 32.70
C ASN E 15 2.75 8.00 33.08
N GLU E 16 1.81 7.58 33.93
CA GLU E 16 1.73 6.18 34.34
C GLU E 16 1.09 5.29 33.29
N LEU E 17 0.61 5.85 32.18
CA LEU E 17 0.13 5.02 31.07
C LEU E 17 1.26 4.29 30.36
N SER E 18 2.48 4.80 30.47
CA SER E 18 3.61 4.21 29.75
C SER E 18 4.00 2.86 30.34
N SER E 19 4.30 2.83 31.64
CA SER E 19 4.73 1.59 32.28
C SER E 19 3.56 0.62 32.40
N PRO E 20 3.73 -0.64 31.98
CA PRO E 20 2.62 -1.60 32.11
C PRO E 20 2.24 -1.92 33.54
N GLU E 21 3.10 -1.61 34.52
CA GLU E 21 2.78 -1.89 35.91
C GLU E 21 1.78 -0.90 36.50
N THR E 22 1.69 0.31 35.95
CA THR E 22 0.76 1.32 36.43
C THR E 22 -0.26 1.72 35.36
N ARG E 23 -0.33 0.98 34.26
CA ARG E 23 -1.18 1.39 33.14
C ARG E 23 -2.65 1.11 33.41
N GLU E 24 -2.97 -0.04 34.03
CA GLU E 24 -4.36 -0.42 34.20
C GLU E 24 -5.09 0.57 35.10
N ASN E 25 -4.45 1.01 36.18
CA ASN E 25 -5.09 1.97 37.08
C ASN E 25 -5.26 3.33 36.40
N ALA E 26 -4.31 3.72 35.54
CA ALA E 26 -4.42 5.00 34.86
C ALA E 26 -5.48 4.98 33.77
N LEU E 27 -5.69 3.83 33.13
CA LEU E 27 -6.73 3.73 32.11
C LEU E 27 -8.12 3.91 32.72
N LEU E 28 -8.33 3.38 33.93
CA LEU E 28 -9.63 3.47 34.56
C LEU E 28 -9.93 4.90 35.01
N GLU E 29 -8.94 5.59 35.58
CA GLU E 29 -9.17 6.94 36.09
C GLU E 29 -9.34 7.95 34.97
N LEU E 30 -8.47 7.89 33.95
CA LEU E 30 -8.53 8.88 32.87
C LEU E 30 -9.82 8.75 32.06
N SER E 31 -10.38 7.54 31.98
CA SER E 31 -11.63 7.36 31.26
C SER E 31 -12.81 8.00 32.01
N LYS E 32 -12.74 8.04 33.34
CA LYS E 32 -13.79 8.68 34.13
C LYS E 32 -13.70 10.20 34.06
N LYS E 33 -12.49 10.75 33.95
CA LYS E 33 -12.29 12.18 33.95
C LYS E 33 -12.26 12.78 32.54
N ARG E 34 -12.66 12.02 31.53
CA ARG E 34 -12.63 12.53 30.16
C ARG E 34 -13.84 13.39 29.82
N GLU E 35 -14.82 13.48 30.72
CA GLU E 35 -15.96 14.37 30.55
C GLU E 35 -15.79 15.71 31.25
N SER E 36 -14.94 15.77 32.28
CA SER E 36 -14.68 17.01 33.01
C SER E 36 -13.41 17.72 32.54
N VAL E 37 -12.53 17.04 31.84
CA VAL E 37 -11.29 17.65 31.33
C VAL E 37 -11.46 17.86 29.83
N PRO E 38 -11.75 19.09 29.38
CA PRO E 38 -12.06 19.30 27.96
C PRO E 38 -10.84 19.23 27.04
N ASP E 39 -9.64 19.39 27.58
CA ASP E 39 -8.41 19.35 26.78
C ASP E 39 -7.63 18.06 26.98
N LEU E 40 -8.32 16.98 27.36
CA LEU E 40 -7.63 15.73 27.63
C LEU E 40 -7.05 15.11 26.36
N ALA E 41 -7.73 15.29 25.24
CA ALA E 41 -7.27 14.65 24.00
C ALA E 41 -5.92 15.17 23.53
N PRO E 42 -5.68 16.48 23.41
CA PRO E 42 -4.34 16.92 23.01
C PRO E 42 -3.27 16.54 24.02
N MET E 43 -3.60 16.49 25.31
CA MET E 43 -2.63 16.04 26.30
C MET E 43 -2.33 14.55 26.14
N LEU E 44 -3.30 13.76 25.69
CA LEU E 44 -3.05 12.34 25.46
C LEU E 44 -2.24 12.13 24.20
N TRP E 45 -2.50 12.92 23.16
CA TRP E 45 -1.84 12.70 21.87
C TRP E 45 -0.37 13.12 21.93
N HIS E 46 -0.11 14.35 22.36
CA HIS E 46 1.24 14.92 22.30
C HIS E 46 2.12 14.51 23.46
N SER E 47 1.72 13.53 24.26
CA SER E 47 2.58 12.97 25.29
C SER E 47 3.27 11.70 24.77
N PHE E 48 4.46 11.43 25.30
CA PHE E 48 5.29 10.36 24.78
C PHE E 48 4.69 8.99 25.11
N GLY E 49 4.58 8.14 24.09
CA GLY E 49 4.14 6.77 24.26
C GLY E 49 2.73 6.58 24.76
N THR E 50 1.94 7.64 24.90
CA THR E 50 0.57 7.48 25.38
C THR E 50 -0.29 6.80 24.32
N ILE E 51 -0.23 7.29 23.08
CA ILE E 51 -0.98 6.65 22.00
C ILE E 51 -0.42 5.26 21.70
N ALA E 52 0.91 5.11 21.76
CA ALA E 52 1.49 3.79 21.55
C ALA E 52 1.06 2.80 22.63
N ALA E 53 0.84 3.30 23.85
CA ALA E 53 0.37 2.42 24.93
C ALA E 53 -1.08 2.01 24.68
N LEU E 54 -1.90 2.91 24.13
CA LEU E 54 -3.28 2.56 23.83
C LEU E 54 -3.36 1.55 22.69
N LEU E 55 -2.54 1.73 21.66
CA LEU E 55 -2.44 0.72 20.60
C LEU E 55 -1.90 -0.59 21.15
N GLN E 56 -0.96 -0.51 22.10
CA GLN E 56 -0.44 -1.71 22.73
C GLN E 56 -1.53 -2.47 23.48
N GLU E 57 -2.47 -1.75 24.08
CA GLU E 57 -3.58 -2.41 24.76
C GLU E 57 -4.53 -3.09 23.77
N ILE E 58 -4.65 -2.54 22.56
CA ILE E 58 -5.53 -3.14 21.57
C ILE E 58 -4.91 -4.41 21.00
N VAL E 59 -3.63 -4.36 20.63
CA VAL E 59 -2.98 -5.49 20.01
C VAL E 59 -2.86 -6.66 20.99
N ASN E 60 -2.74 -6.37 22.29
CA ASN E 60 -2.51 -7.42 23.27
C ASN E 60 -3.70 -8.37 23.43
N ILE E 61 -4.88 -8.00 22.92
CA ILE E 61 -6.03 -8.91 22.98
C ILE E 61 -6.31 -9.58 21.64
N TYR E 62 -5.50 -9.32 20.61
CA TYR E 62 -5.62 -10.06 19.36
C TYR E 62 -5.50 -11.57 19.54
N PRO E 63 -4.61 -12.11 20.38
CA PRO E 63 -4.65 -13.55 20.65
C PRO E 63 -5.95 -14.00 21.30
N SER E 64 -6.67 -13.10 21.99
CA SER E 64 -7.93 -13.46 22.63
C SER E 64 -9.12 -13.40 21.67
N ILE E 65 -8.94 -12.86 20.47
CA ILE E 65 -10.02 -12.83 19.49
C ILE E 65 -10.24 -14.21 18.87
N ASN E 66 -9.15 -14.89 18.49
CA ASN E 66 -9.26 -16.19 17.84
C ASN E 66 -8.25 -17.16 18.44
N PRO E 67 -8.70 -18.20 19.16
CA PRO E 67 -10.11 -18.50 19.46
C PRO E 67 -10.72 -17.53 20.47
N PRO E 68 -12.05 -17.34 20.41
CA PRO E 68 -12.69 -16.37 21.31
C PRO E 68 -12.54 -16.75 22.78
N THR E 69 -11.58 -16.12 23.46
CA THR E 69 -11.35 -16.35 24.88
C THR E 69 -11.33 -15.04 25.66
N LEU E 70 -11.86 -13.97 25.08
CA LEU E 70 -11.85 -12.66 25.74
C LEU E 70 -12.70 -12.72 27.01
N THR E 71 -12.07 -12.40 28.14
CA THR E 71 -12.76 -12.37 29.42
C THR E 71 -13.37 -10.99 29.67
N ALA E 72 -14.16 -10.89 30.74
CA ALA E 72 -14.78 -9.62 31.08
C ALA E 72 -13.75 -8.59 31.52
N HIS E 73 -12.72 -9.03 32.26
CA HIS E 73 -11.68 -8.12 32.70
C HIS E 73 -10.88 -7.58 31.52
N GLN E 74 -10.64 -8.41 30.51
CA GLN E 74 -9.94 -7.94 29.32
C GLN E 74 -10.79 -6.91 28.56
N SER E 75 -12.09 -7.18 28.41
CA SER E 75 -12.94 -6.26 27.67
C SER E 75 -13.10 -4.93 28.40
N ASN E 76 -13.17 -4.97 29.74
CA ASN E 76 -13.22 -3.73 30.50
C ASN E 76 -11.93 -2.94 30.36
N ARG E 77 -10.79 -3.63 30.32
CA ARG E 77 -9.51 -2.93 30.27
C ARG E 77 -9.28 -2.30 28.89
N VAL E 78 -9.61 -3.03 27.82
CA VAL E 78 -9.36 -2.50 26.49
C VAL E 78 -10.39 -1.43 26.11
N CYS E 79 -11.61 -1.52 26.64
CA CYS E 79 -12.60 -0.49 26.35
C CYS E 79 -12.34 0.80 27.10
N ASN E 80 -11.55 0.76 28.18
CA ASN E 80 -11.07 2.00 28.78
C ASN E 80 -10.05 2.68 27.87
N ALA E 81 -9.23 1.89 27.18
CA ALA E 81 -8.31 2.45 26.19
C ALA E 81 -9.06 2.94 24.95
N LEU E 82 -10.14 2.25 24.56
CA LEU E 82 -10.95 2.72 23.46
C LEU E 82 -11.68 4.01 23.81
N ALA E 83 -12.09 4.18 25.07
CA ALA E 83 -12.75 5.43 25.47
C ALA E 83 -11.79 6.59 25.40
N LEU E 84 -10.55 6.41 25.88
CA LEU E 84 -9.56 7.47 25.77
C LEU E 84 -9.19 7.74 24.31
N LEU E 85 -9.22 6.72 23.46
CA LEU E 85 -8.99 6.93 22.04
C LEU E 85 -10.16 7.65 21.39
N GLN E 86 -11.39 7.33 21.82
CA GLN E 86 -12.55 8.08 21.34
C GLN E 86 -12.46 9.55 21.69
N CYS E 87 -11.89 9.86 22.86
CA CYS E 87 -11.66 11.26 23.22
C CYS E 87 -10.73 11.94 22.24
N VAL E 88 -9.69 11.24 21.79
CA VAL E 88 -8.73 11.82 20.84
C VAL E 88 -9.38 12.00 19.47
N ALA E 89 -10.25 11.07 19.08
CA ALA E 89 -10.90 11.15 17.78
C ALA E 89 -11.96 12.25 17.72
N SER E 90 -12.51 12.65 18.86
CA SER E 90 -13.57 13.65 18.89
C SER E 90 -13.05 15.07 18.92
N HIS E 91 -11.89 15.30 19.53
CA HIS E 91 -11.40 16.66 19.70
C HIS E 91 -11.02 17.26 18.35
N PRO E 92 -11.36 18.53 18.11
CA PRO E 92 -11.00 19.17 16.83
C PRO E 92 -9.51 19.47 16.68
N GLU E 93 -8.72 19.33 17.75
CA GLU E 93 -7.29 19.58 17.66
C GLU E 93 -6.48 18.32 17.38
N THR E 94 -7.08 17.14 17.55
CA THR E 94 -6.36 15.88 17.34
C THR E 94 -7.07 14.93 16.39
N ARG E 95 -8.17 15.35 15.76
CA ARG E 95 -8.92 14.44 14.88
C ARG E 95 -8.13 14.12 13.62
N SER E 96 -7.44 15.13 13.05
CA SER E 96 -6.71 14.90 11.81
C SER E 96 -5.51 13.99 12.03
N ALA E 97 -4.72 14.26 13.07
CA ALA E 97 -3.59 13.39 13.38
C ALA E 97 -4.06 11.98 13.75
N PHE E 98 -5.24 11.87 14.34
CA PHE E 98 -5.80 10.56 14.68
C PHE E 98 -6.05 9.75 13.42
N LEU E 99 -6.69 10.36 12.42
CA LEU E 99 -6.96 9.65 11.17
C LEU E 99 -5.70 9.48 10.34
N ALA E 100 -4.79 10.46 10.39
CA ALA E 100 -3.55 10.35 9.62
C ALA E 100 -2.69 9.19 10.11
N ALA E 101 -2.87 8.78 11.36
CA ALA E 101 -2.17 7.62 11.91
C ALA E 101 -2.92 6.32 11.67
N HIS E 102 -4.07 6.37 11.00
CA HIS E 102 -4.86 5.18 10.66
C HIS E 102 -5.16 4.34 11.91
N ILE E 103 -5.39 5.04 13.03
CA ILE E 103 -5.66 4.33 14.29
C ILE E 103 -6.94 3.50 14.21
N PRO E 104 -8.05 3.97 13.64
CA PRO E 104 -9.26 3.11 13.60
C PRO E 104 -9.05 1.77 12.92
N LEU E 105 -7.99 1.60 12.12
CA LEU E 105 -7.76 0.32 11.47
C LEU E 105 -7.55 -0.81 12.48
N PHE E 106 -7.00 -0.49 13.64
CA PHE E 106 -6.75 -1.50 14.67
C PHE E 106 -7.97 -1.82 15.51
N LEU E 107 -9.08 -1.10 15.28
CA LEU E 107 -10.37 -1.46 15.87
C LEU E 107 -11.20 -2.34 14.94
N TYR E 108 -10.83 -2.41 13.66
CA TYR E 108 -11.58 -3.22 12.71
C TYR E 108 -11.60 -4.71 13.04
N PRO E 109 -10.52 -5.33 13.54
CA PRO E 109 -10.63 -6.72 13.99
C PRO E 109 -11.70 -6.95 15.04
N PHE E 110 -12.04 -5.93 15.82
CA PHE E 110 -13.09 -6.07 16.82
C PHE E 110 -14.46 -6.09 16.17
N LEU E 111 -14.66 -5.31 15.10
CA LEU E 111 -15.92 -5.33 14.37
C LEU E 111 -16.13 -6.61 13.57
N HIS E 112 -15.08 -7.42 13.38
CA HIS E 112 -15.19 -8.65 12.62
C HIS E 112 -15.60 -9.85 13.47
N THR E 113 -15.50 -9.75 14.79
CA THR E 113 -15.84 -10.86 15.65
C THR E 113 -17.34 -11.17 15.60
N VAL E 114 -17.68 -12.44 15.78
CA VAL E 114 -19.05 -12.91 15.74
C VAL E 114 -19.51 -13.55 17.04
N SER E 115 -18.64 -13.64 18.04
CA SER E 115 -19.01 -14.28 19.29
C SER E 115 -20.13 -13.51 19.98
N LYS E 116 -21.11 -14.25 20.48
CA LYS E 116 -22.29 -13.65 21.11
C LYS E 116 -22.11 -13.39 22.60
N THR E 117 -20.93 -13.62 23.15
CA THR E 117 -20.71 -13.37 24.56
C THR E 117 -20.70 -11.87 24.85
N ARG E 118 -20.92 -11.54 26.13
CA ARG E 118 -20.99 -10.15 26.53
C ARG E 118 -19.63 -9.44 26.47
N PRO E 119 -18.52 -10.07 26.88
CA PRO E 119 -17.23 -9.40 26.68
C PRO E 119 -16.94 -9.05 25.23
N PHE E 120 -17.38 -9.86 24.28
CA PHE E 120 -17.22 -9.51 22.87
C PHE E 120 -18.26 -8.48 22.43
N GLU E 121 -19.49 -8.62 22.90
CA GLU E 121 -20.53 -7.66 22.54
C GLU E 121 -20.21 -6.27 23.07
N TYR E 122 -19.69 -6.20 24.31
CA TYR E 122 -19.27 -4.91 24.85
C TYR E 122 -18.09 -4.35 24.08
N LEU E 123 -17.24 -5.22 23.52
CA LEU E 123 -16.11 -4.74 22.73
C LEU E 123 -16.57 -4.20 21.38
N ARG E 124 -17.50 -4.90 20.72
CA ARG E 124 -18.02 -4.43 19.44
C ARG E 124 -18.77 -3.12 19.60
N LEU E 125 -19.61 -3.01 20.63
CA LEU E 125 -20.37 -1.77 20.84
C LEU E 125 -19.43 -0.60 21.08
N THR E 126 -18.43 -0.78 21.95
CA THR E 126 -17.47 0.29 22.21
C THR E 126 -16.68 0.64 20.94
N SER E 127 -16.28 -0.37 20.17
CA SER E 127 -15.57 -0.11 18.92
C SER E 127 -16.46 0.61 17.92
N LEU E 128 -17.74 0.22 17.86
CA LEU E 128 -18.69 0.94 17.02
C LEU E 128 -18.94 2.36 17.54
N GLY E 129 -18.80 2.56 18.85
CA GLY E 129 -18.98 3.89 19.41
C GLY E 129 -17.89 4.86 18.99
N VAL E 130 -16.67 4.37 18.80
CA VAL E 130 -15.59 5.23 18.32
C VAL E 130 -15.86 5.69 16.90
N ILE E 131 -16.32 4.78 16.03
CA ILE E 131 -16.66 5.15 14.67
C ILE E 131 -17.85 6.10 14.66
N GLY E 132 -18.80 5.89 15.56
CA GLY E 132 -19.93 6.80 15.68
C GLY E 132 -19.51 8.21 16.06
N ALA E 133 -18.58 8.32 17.02
CA ALA E 133 -18.09 9.63 17.43
C ALA E 133 -17.40 10.36 16.28
N LEU E 134 -16.82 9.62 15.33
CA LEU E 134 -16.15 10.25 14.21
C LEU E 134 -17.15 10.85 13.22
N VAL E 135 -18.22 10.12 12.90
CA VAL E 135 -19.21 10.64 11.96
C VAL E 135 -20.06 11.73 12.60
N LYS E 136 -20.13 11.79 13.93
CA LYS E 136 -20.86 12.86 14.59
C LYS E 136 -20.20 14.22 14.43
N THR E 137 -18.94 14.26 13.98
CA THR E 137 -18.26 15.52 13.73
C THR E 137 -18.64 16.14 12.39
N ASP E 138 -19.25 15.37 11.49
CA ASP E 138 -19.67 15.84 10.17
C ASP E 138 -18.50 16.45 9.41
N GLU E 139 -17.30 15.91 9.60
CA GLU E 139 -16.09 16.40 8.95
C GLU E 139 -15.84 15.66 7.65
N GLN E 140 -15.42 16.40 6.62
CA GLN E 140 -15.22 15.80 5.31
C GLN E 140 -14.10 14.77 5.34
N GLU E 141 -13.04 15.01 6.11
CA GLU E 141 -11.93 14.07 6.14
C GLU E 141 -12.28 12.77 6.86
N VAL E 142 -13.32 12.78 7.71
CA VAL E 142 -13.78 11.53 8.30
C VAL E 142 -14.48 10.68 7.25
N ILE E 143 -15.27 11.30 6.37
CA ILE E 143 -15.96 10.56 5.32
C ILE E 143 -14.94 9.96 4.35
N ASN E 144 -13.97 10.76 3.91
CA ASN E 144 -12.95 10.27 3.00
C ASN E 144 -12.13 9.14 3.62
N PHE E 145 -11.90 9.21 4.94
CA PHE E 145 -11.13 8.15 5.60
C PHE E 145 -11.93 6.85 5.65
N LEU E 146 -13.20 6.94 6.06
CA LEU E 146 -13.99 5.72 6.23
C LEU E 146 -14.32 5.07 4.88
N LEU E 147 -14.41 5.87 3.81
CA LEU E 147 -14.73 5.32 2.50
C LEU E 147 -13.59 4.49 1.93
N THR E 148 -12.35 4.87 2.23
CA THR E 148 -11.18 4.23 1.66
C THR E 148 -10.56 3.18 2.57
N THR E 149 -11.09 2.98 3.78
CA THR E 149 -10.58 1.96 4.68
C THR E 149 -11.49 0.75 4.76
N GLU E 150 -12.50 0.66 3.89
CA GLU E 150 -13.36 -0.52 3.77
C GLU E 150 -14.08 -0.82 5.08
N ILE E 151 -14.66 0.22 5.68
CA ILE E 151 -15.46 0.03 6.89
C ILE E 151 -16.92 -0.25 6.56
N ILE E 152 -17.37 0.10 5.35
CA ILE E 152 -18.73 -0.24 4.95
C ILE E 152 -18.97 -1.74 4.90
N PRO E 153 -18.07 -2.56 4.31
CA PRO E 153 -18.30 -4.01 4.36
C PRO E 153 -18.31 -4.56 5.77
N LEU E 154 -17.55 -3.98 6.69
CA LEU E 154 -17.63 -4.39 8.09
C LEU E 154 -18.99 -4.05 8.69
N CYS E 155 -19.54 -2.89 8.35
CA CYS E 155 -20.86 -2.52 8.87
C CYS E 155 -21.94 -3.43 8.32
N LEU E 156 -21.84 -3.79 7.03
CA LEU E 156 -22.87 -4.65 6.43
C LEU E 156 -22.89 -6.03 7.08
N ARG E 157 -21.73 -6.54 7.50
CA ARG E 157 -21.72 -7.80 8.23
C ARG E 157 -22.39 -7.65 9.59
N ILE E 158 -22.16 -6.52 10.27
CA ILE E 158 -22.81 -6.28 11.55
C ILE E 158 -24.30 -6.00 11.34
N MET E 159 -24.65 -5.32 10.26
CA MET E 159 -26.04 -5.03 9.96
C MET E 159 -26.85 -6.27 9.62
N GLU E 160 -26.19 -7.38 9.27
CA GLU E 160 -26.89 -8.60 8.88
C GLU E 160 -26.92 -9.65 9.98
N SER E 161 -25.86 -9.76 10.78
CA SER E 161 -25.74 -10.83 11.76
C SER E 161 -25.55 -10.36 13.20
N GLY E 162 -25.29 -9.07 13.41
CA GLY E 162 -25.04 -8.57 14.75
C GLY E 162 -26.30 -8.52 15.60
N SER E 163 -26.14 -8.01 16.81
CA SER E 163 -27.27 -7.84 17.70
C SER E 163 -28.15 -6.69 17.23
N GLU E 164 -29.32 -6.54 17.85
CA GLU E 164 -30.23 -5.49 17.46
C GLU E 164 -29.61 -4.11 17.66
N LEU E 165 -28.92 -3.90 18.77
CA LEU E 165 -28.25 -2.62 19.00
C LEU E 165 -27.08 -2.45 18.04
N SER E 166 -26.30 -3.52 17.80
CA SER E 166 -25.19 -3.43 16.86
C SER E 166 -25.67 -3.09 15.46
N LYS E 167 -26.73 -3.76 15.01
CA LYS E 167 -27.30 -3.46 13.69
C LYS E 167 -27.70 -2.00 13.57
N THR E 168 -28.30 -1.45 14.63
CA THR E 168 -28.75 -0.06 14.59
C THR E 168 -27.56 0.90 14.53
N VAL E 169 -26.56 0.67 15.38
CA VAL E 169 -25.38 1.53 15.38
C VAL E 169 -24.64 1.43 14.05
N ALA E 170 -24.52 0.21 13.51
CA ALA E 170 -23.81 0.04 12.24
C ALA E 170 -24.59 0.66 11.09
N THR E 171 -25.93 0.55 11.11
CA THR E 171 -26.73 1.21 10.10
C THR E 171 -26.66 2.73 10.23
N PHE E 172 -26.54 3.23 11.47
CA PHE E 172 -26.40 4.66 11.68
C PHE E 172 -25.10 5.18 11.10
N ILE E 173 -24.01 4.43 11.26
CA ILE E 173 -22.73 4.83 10.70
C ILE E 173 -22.81 4.89 9.18
N LEU E 174 -23.41 3.85 8.56
CA LEU E 174 -23.61 3.87 7.12
C LEU E 174 -24.50 5.04 6.69
N GLN E 175 -25.47 5.41 7.53
CA GLN E 175 -26.37 6.49 7.19
C GLN E 175 -25.63 7.82 7.13
N LYS E 176 -24.81 8.12 8.14
CA LYS E 176 -24.06 9.37 8.16
C LYS E 176 -23.15 9.48 6.93
N ILE E 177 -22.53 8.36 6.53
CA ILE E 177 -21.70 8.35 5.33
C ILE E 177 -22.56 8.66 4.10
N LEU E 178 -23.71 8.00 3.99
CA LEU E 178 -24.62 8.25 2.88
C LEU E 178 -25.10 9.69 2.86
N LEU E 179 -25.34 10.28 4.03
CA LEU E 179 -25.84 11.65 4.09
C LEU E 179 -24.85 12.65 3.51
N ASP E 180 -23.55 12.35 3.59
CA ASP E 180 -22.55 13.20 2.98
C ASP E 180 -22.54 13.00 1.47
N ASP E 181 -22.37 14.11 0.74
CA ASP E 181 -22.44 14.05 -0.73
C ASP E 181 -21.36 13.14 -1.30
N THR E 182 -20.16 13.18 -0.71
CA THR E 182 -19.08 12.32 -1.20
C THR E 182 -19.38 10.84 -0.92
N GLY E 183 -19.99 10.55 0.23
CA GLY E 183 -20.30 9.16 0.54
C GLY E 183 -21.35 8.57 -0.38
N LEU E 184 -22.39 9.34 -0.71
CA LEU E 184 -23.41 8.85 -1.63
C LEU E 184 -22.83 8.66 -3.03
N ALA E 185 -21.99 9.59 -3.48
CA ALA E 185 -21.38 9.48 -4.79
C ALA E 185 -20.36 8.34 -4.85
N TYR E 186 -19.79 7.94 -3.71
CA TYR E 186 -18.82 6.85 -3.70
C TYR E 186 -19.50 5.50 -3.73
N ILE E 187 -20.57 5.32 -2.96
CA ILE E 187 -21.28 4.04 -2.94
C ILE E 187 -22.02 3.81 -4.25
N CYS E 188 -22.49 4.87 -4.89
CA CYS E 188 -23.17 4.77 -6.17
C CYS E 188 -22.22 4.93 -7.36
N GLN E 189 -20.91 4.84 -7.12
CA GLN E 189 -19.94 4.99 -8.20
C GLN E 189 -19.93 3.77 -9.11
N THR E 190 -19.95 2.58 -8.52
CA THR E 190 -19.98 1.34 -9.28
C THR E 190 -21.17 0.50 -8.83
N TYR E 191 -21.64 -0.37 -9.73
CA TYR E 191 -22.74 -1.25 -9.40
C TYR E 191 -22.34 -2.27 -8.33
N GLU E 192 -21.05 -2.59 -8.24
CA GLU E 192 -20.61 -3.56 -7.24
C GLU E 192 -20.76 -3.03 -5.82
N ARG E 193 -20.48 -1.74 -5.63
CA ARG E 193 -20.64 -1.13 -4.31
C ARG E 193 -22.10 -0.97 -3.95
N PHE E 194 -22.92 -0.48 -4.89
CA PHE E 194 -24.33 -0.25 -4.60
C PHE E 194 -25.08 -1.56 -4.37
N SER E 195 -24.79 -2.58 -5.17
CA SER E 195 -25.50 -3.85 -5.04
C SER E 195 -25.27 -4.48 -3.68
N HIS E 196 -24.05 -4.40 -3.16
CA HIS E 196 -23.76 -4.98 -1.86
C HIS E 196 -24.50 -4.24 -0.75
N VAL E 197 -24.70 -2.93 -0.89
CA VAL E 197 -25.45 -2.18 0.11
C VAL E 197 -26.95 -2.40 -0.06
N ALA E 198 -27.42 -2.42 -1.30
CA ALA E 198 -28.86 -2.63 -1.54
C ALA E 198 -29.30 -4.02 -1.13
N MET E 199 -28.45 -5.02 -1.34
CA MET E 199 -28.80 -6.39 -0.98
C MET E 199 -28.88 -6.56 0.54
N ILE E 200 -27.96 -5.95 1.27
CA ILE E 200 -27.98 -6.06 2.73
C ILE E 200 -29.20 -5.37 3.31
N LEU E 201 -29.49 -4.15 2.84
CA LEU E 201 -30.67 -3.44 3.31
C LEU E 201 -31.95 -4.22 3.02
N GLY E 202 -31.99 -4.95 1.90
CA GLY E 202 -33.15 -5.75 1.60
C GLY E 202 -33.31 -6.93 2.54
N LYS E 203 -32.20 -7.60 2.87
CA LYS E 203 -32.25 -8.72 3.80
C LYS E 203 -32.66 -8.27 5.19
N MET E 204 -32.31 -7.04 5.57
CA MET E 204 -32.72 -6.53 6.88
C MET E 204 -34.22 -6.25 6.92
N VAL E 205 -34.81 -5.86 5.78
CA VAL E 205 -36.25 -5.64 5.73
C VAL E 205 -37.00 -6.95 6.00
N LEU E 206 -36.48 -8.05 5.47
CA LEU E 206 -37.10 -9.35 5.74
C LEU E 206 -36.98 -9.72 7.21
N GLN E 207 -35.82 -9.44 7.83
CA GLN E 207 -35.63 -9.75 9.24
C GLN E 207 -36.48 -8.87 10.13
N LEU E 208 -36.73 -7.61 9.72
CA LEU E 208 -37.55 -6.71 10.52
C LEU E 208 -39.02 -7.12 10.48
N SER E 209 -39.46 -7.77 9.42
CA SER E 209 -40.83 -8.25 9.35
C SER E 209 -41.08 -9.40 10.33
N LYS E 210 -40.03 -10.07 10.79
CA LYS E 210 -40.14 -11.12 11.80
C LYS E 210 -39.88 -10.58 13.20
N GLU E 211 -38.68 -10.05 13.43
CA GLU E 211 -38.33 -9.41 14.69
C GLU E 211 -38.32 -7.90 14.49
N PRO E 212 -39.38 -7.19 14.85
CA PRO E 212 -39.43 -5.75 14.59
C PRO E 212 -38.46 -4.99 15.48
N SER E 213 -38.10 -3.80 15.00
CA SER E 213 -37.26 -2.89 15.77
C SER E 213 -37.50 -1.48 15.24
N ALA E 214 -38.09 -0.63 16.06
CA ALA E 214 -38.45 0.72 15.61
C ALA E 214 -37.22 1.52 15.22
N ARG E 215 -36.19 1.54 16.09
CA ARG E 215 -35.01 2.34 15.81
C ARG E 215 -34.19 1.78 14.66
N LEU E 216 -34.22 0.46 14.46
CA LEU E 216 -33.50 -0.12 13.34
C LEU E 216 -34.23 0.11 12.02
N LEU E 217 -35.56 -0.01 12.03
CA LEU E 217 -36.34 0.26 10.83
C LEU E 217 -36.24 1.73 10.43
N LYS E 218 -36.06 2.63 11.40
CA LYS E 218 -35.99 4.05 11.09
C LYS E 218 -34.78 4.36 10.20
N HIS E 219 -33.64 3.75 10.49
CA HIS E 219 -32.42 4.04 9.74
C HIS E 219 -32.28 3.21 8.48
N VAL E 220 -32.85 2.00 8.45
CA VAL E 220 -32.93 1.26 7.19
C VAL E 220 -33.76 2.02 6.19
N VAL E 221 -34.88 2.61 6.65
CA VAL E 221 -35.70 3.44 5.78
C VAL E 221 -34.95 4.72 5.39
N ARG E 222 -34.24 5.32 6.36
CA ARG E 222 -33.50 6.54 6.07
C ARG E 222 -32.38 6.30 5.07
N CYS E 223 -31.78 5.11 5.07
CA CYS E 223 -30.74 4.80 4.09
C CYS E 223 -31.32 4.76 2.69
N TYR E 224 -32.45 4.05 2.50
CA TYR E 224 -33.11 4.02 1.20
C TYR E 224 -33.46 5.42 0.70
N LEU E 225 -33.92 6.28 1.61
CA LEU E 225 -34.33 7.63 1.21
C LEU E 225 -33.14 8.44 0.68
N ARG E 226 -32.00 8.36 1.37
CA ARG E 226 -30.81 9.05 0.90
C ARG E 226 -30.29 8.45 -0.41
N LEU E 227 -30.42 7.12 -0.56
CA LEU E 227 -30.00 6.48 -1.80
C LEU E 227 -30.83 6.93 -2.99
N SER E 228 -32.11 7.24 -2.76
CA SER E 228 -32.98 7.71 -3.84
C SER E 228 -32.60 9.08 -4.36
N ASP E 229 -31.76 9.84 -3.63
CA ASP E 229 -31.29 11.12 -4.13
C ASP E 229 -30.34 10.96 -5.30
N ASN E 230 -29.68 9.81 -5.42
CA ASN E 230 -28.76 9.51 -6.52
C ASN E 230 -29.54 8.98 -7.72
N PRO E 231 -29.27 9.47 -8.93
CA PRO E 231 -30.08 9.02 -10.08
C PRO E 231 -29.92 7.54 -10.39
N ARG E 232 -28.68 7.04 -10.45
CA ARG E 232 -28.47 5.63 -10.78
C ARG E 232 -29.00 4.71 -9.69
N ALA E 233 -28.96 5.15 -8.43
CA ALA E 233 -29.53 4.34 -7.35
C ALA E 233 -31.04 4.45 -7.30
N ARG E 234 -31.60 5.57 -7.75
CA ARG E 234 -33.05 5.75 -7.70
C ARG E 234 -33.76 4.81 -8.66
N GLU E 235 -33.22 4.65 -9.87
CA GLU E 235 -33.83 3.76 -10.86
C GLU E 235 -33.57 2.29 -10.57
N ALA E 236 -32.49 1.97 -9.84
CA ALA E 236 -32.28 0.59 -9.43
C ALA E 236 -33.24 0.18 -8.33
N LEU E 237 -33.65 1.12 -7.48
CA LEU E 237 -34.58 0.81 -6.41
C LEU E 237 -36.00 0.60 -6.92
N ARG E 238 -36.33 1.09 -8.11
CA ARG E 238 -37.68 0.94 -8.64
C ARG E 238 -38.03 -0.51 -8.94
N GLN E 239 -37.03 -1.39 -9.10
CA GLN E 239 -37.27 -2.79 -9.36
C GLN E 239 -36.86 -3.71 -8.20
N CYS E 240 -36.03 -3.24 -7.28
CA CYS E 240 -35.52 -4.09 -6.21
C CYS E 240 -35.96 -3.64 -4.82
N LEU E 241 -36.77 -2.59 -4.70
CA LEU E 241 -37.26 -2.17 -3.40
C LEU E 241 -38.12 -3.28 -2.81
N PRO E 242 -37.87 -3.70 -1.57
CA PRO E 242 -38.68 -4.79 -0.99
C PRO E 242 -40.15 -4.40 -0.94
N ASP E 243 -41.01 -5.31 -1.41
CA ASP E 243 -42.44 -5.05 -1.43
C ASP E 243 -43.00 -4.77 -0.04
N GLN E 244 -42.31 -5.20 1.01
CA GLN E 244 -42.76 -4.95 2.37
C GLN E 244 -42.75 -3.46 2.73
N LEU E 245 -41.97 -2.65 2.00
CA LEU E 245 -42.04 -1.21 2.23
C LEU E 245 -43.19 -0.58 1.47
N LYS E 246 -43.65 -1.20 0.38
CA LYS E 246 -44.74 -0.66 -0.41
C LYS E 246 -46.11 -1.11 0.07
N ASP E 247 -46.21 -2.27 0.69
CA ASP E 247 -47.50 -2.72 1.23
C ASP E 247 -47.69 -2.24 2.65
N THR E 248 -48.47 -2.97 3.43
CA THR E 248 -48.82 -2.58 4.80
C THR E 248 -48.23 -3.54 5.83
N THR E 249 -47.01 -4.04 5.57
CA THR E 249 -46.37 -4.93 6.52
C THR E 249 -46.00 -4.20 7.80
N PHE E 250 -45.47 -2.98 7.69
CA PHE E 250 -45.12 -2.17 8.84
C PHE E 250 -46.14 -1.07 9.10
N ALA E 251 -47.41 -1.31 8.75
CA ALA E 251 -48.44 -0.29 8.95
C ALA E 251 -48.69 -0.06 10.44
N GLN E 252 -48.86 -1.14 11.20
CA GLN E 252 -49.10 -1.00 12.63
C GLN E 252 -47.85 -0.54 13.37
N VAL E 253 -46.67 -0.90 12.86
CA VAL E 253 -45.43 -0.50 13.53
C VAL E 253 -45.17 0.99 13.34
N LEU E 254 -45.48 1.52 12.16
CA LEU E 254 -45.24 2.93 11.86
C LEU E 254 -46.31 3.86 12.41
N LYS E 255 -47.39 3.32 12.99
CA LYS E 255 -48.47 4.16 13.48
C LYS E 255 -47.98 5.19 14.48
N ASP E 256 -47.09 4.79 15.40
CA ASP E 256 -46.59 5.67 16.44
C ASP E 256 -45.20 6.23 16.13
N ASP E 257 -44.80 6.22 14.87
CA ASP E 257 -43.52 6.81 14.44
C ASP E 257 -43.82 7.76 13.28
N THR E 258 -43.92 9.06 13.59
CA THR E 258 -44.28 10.04 12.58
C THR E 258 -43.11 10.37 11.66
N THR E 259 -41.90 10.51 12.23
CA THR E 259 -40.75 10.92 11.42
C THR E 259 -40.38 9.83 10.41
N THR E 260 -40.52 8.56 10.78
CA THR E 260 -40.23 7.48 9.85
C THR E 260 -41.31 7.37 8.77
N LYS E 261 -42.57 7.68 9.11
CA LYS E 261 -43.62 7.72 8.11
C LYS E 261 -43.33 8.76 7.04
N ARG E 262 -42.90 9.95 7.46
CA ARG E 262 -42.61 11.02 6.51
C ARG E 262 -41.43 10.65 5.62
N TRP E 263 -40.43 9.96 6.19
CA TRP E 263 -39.29 9.53 5.40
C TRP E 263 -39.67 8.45 4.39
N LEU E 264 -40.48 7.48 4.82
CA LEU E 264 -40.86 6.39 3.92
C LEU E 264 -41.77 6.89 2.80
N ALA E 265 -42.67 7.81 3.12
CA ALA E 265 -43.53 8.38 2.08
C ALA E 265 -42.73 9.17 1.06
N GLN E 266 -41.72 9.92 1.52
CA GLN E 266 -40.86 10.65 0.60
C GLN E 266 -40.04 9.70 -0.25
N LEU E 267 -39.72 8.52 0.27
CA LEU E 267 -38.98 7.53 -0.51
C LEU E 267 -39.80 7.03 -1.69
N VAL E 268 -41.07 6.67 -1.44
CA VAL E 268 -41.92 6.15 -2.51
C VAL E 268 -42.21 7.25 -3.54
N LYS E 269 -42.36 8.50 -3.09
CA LYS E 269 -42.58 9.59 -4.02
C LYS E 269 -41.34 9.88 -4.86
N ASN E 270 -40.15 9.72 -4.28
CA ASN E 270 -38.93 9.91 -5.05
C ASN E 270 -38.75 8.82 -6.09
N LEU E 271 -39.12 7.58 -5.76
CA LEU E 271 -38.93 6.47 -6.69
C LEU E 271 -39.94 6.48 -7.83
N GLN E 272 -41.14 7.05 -7.60
CA GLN E 272 -42.13 7.13 -8.64
C GLN E 272 -41.75 8.20 -9.66
N GLU E 273 -42.34 8.08 -10.85
CA GLU E 273 -42.07 9.02 -11.93
C GLU E 273 -43.26 9.95 -12.17
N ASP F 2 -17.51 -9.34 36.53
CA ASP F 2 -18.61 -9.24 35.59
C ASP F 2 -19.57 -8.13 36.01
N GLN F 3 -19.58 -7.81 37.30
CA GLN F 3 -20.43 -6.73 37.79
C GLN F 3 -19.96 -5.38 37.27
N GLN F 4 -18.65 -5.18 37.17
CA GLN F 4 -18.12 -3.96 36.55
C GLN F 4 -18.39 -3.94 35.05
N LEU F 5 -18.39 -5.11 34.41
CA LEU F 5 -18.70 -5.19 32.99
C LEU F 5 -20.15 -4.80 32.73
N ASP F 6 -21.07 -5.23 33.60
CA ASP F 6 -22.49 -4.93 33.39
C ASP F 6 -22.75 -3.43 33.54
N HIS F 7 -22.06 -2.76 34.48
CA HIS F 7 -22.19 -1.31 34.60
C HIS F 7 -21.73 -0.62 33.32
N ASN F 8 -20.59 -1.03 32.79
CA ASN F 8 -20.10 -0.44 31.54
C ASN F 8 -20.96 -0.84 30.36
N PHE F 9 -21.54 -2.03 30.39
CA PHE F 9 -22.38 -2.49 29.29
C PHE F 9 -23.71 -1.74 29.25
N LYS F 10 -24.31 -1.50 30.43
CA LYS F 10 -25.55 -0.74 30.47
C LYS F 10 -25.34 0.70 30.02
N GLN F 11 -24.25 1.33 30.46
CA GLN F 11 -23.98 2.71 30.06
C GLN F 11 -23.72 2.81 28.56
N MET F 12 -23.04 1.83 27.98
CA MET F 12 -22.79 1.84 26.55
C MET F 12 -24.09 1.65 25.76
N GLU F 13 -25.00 0.81 26.25
CA GLU F 13 -26.27 0.61 25.56
C GLU F 13 -27.08 1.90 25.52
N GLU F 14 -27.08 2.65 26.62
CA GLU F 14 -27.80 3.93 26.63
C GLU F 14 -27.10 4.98 25.78
N HIS F 15 -25.77 5.03 25.87
CA HIS F 15 -25.00 6.01 25.11
C HIS F 15 -25.20 5.83 23.61
N LEU F 16 -25.15 4.58 23.13
CA LEU F 16 -25.36 4.33 21.71
C LEU F 16 -26.80 4.64 21.30
N ALA F 17 -27.76 4.38 22.21
CA ALA F 17 -29.15 4.69 21.91
C ALA F 17 -29.37 6.18 21.74
N LEU F 18 -28.66 6.99 22.55
CA LEU F 18 -28.76 8.44 22.42
C LEU F 18 -27.95 8.96 21.24
N MET F 19 -26.79 8.37 20.97
CA MET F 19 -25.99 8.77 19.82
C MET F 19 -26.73 8.50 18.52
N VAL F 20 -27.45 7.37 18.45
CA VAL F 20 -28.17 7.00 17.24
C VAL F 20 -29.22 8.04 16.90
N GLU F 21 -29.95 8.54 17.90
CA GLU F 21 -30.96 9.56 17.66
C GLU F 21 -30.32 10.90 17.30
N GLY F 22 -29.45 11.40 18.16
CA GLY F 22 -28.73 12.63 17.89
C GLY F 22 -29.60 13.86 17.74
#